data_319D
# 
_entry.id   319D 
# 
_audit_conform.dict_name       mmcif_pdbx.dic 
_audit_conform.dict_version    5.387 
_audit_conform.dict_location   http://mmcif.pdb.org/dictionaries/ascii/mmcif_pdbx.dic 
# 
loop_
_database_2.database_id 
_database_2.database_code 
_database_2.pdbx_database_accession 
_database_2.pdbx_DOI 
PDB   319D         pdb_0000319d 10.2210/pdb319d/pdb 
RCSB  ADJB80       ?            ?                   
WWPDB D_1000178787 ?            ?                   
# 
loop_
_pdbx_audit_revision_history.ordinal 
_pdbx_audit_revision_history.data_content_type 
_pdbx_audit_revision_history.major_revision 
_pdbx_audit_revision_history.minor_revision 
_pdbx_audit_revision_history.revision_date 
1 'Structure model' 1 0 1997-05-22 
2 'Structure model' 1 1 2008-05-22 
3 'Structure model' 1 2 2011-07-13 
4 'Structure model' 1 3 2024-02-21 
# 
_pdbx_audit_revision_details.ordinal             1 
_pdbx_audit_revision_details.revision_ordinal    1 
_pdbx_audit_revision_details.data_content_type   'Structure model' 
_pdbx_audit_revision_details.provider            repository 
_pdbx_audit_revision_details.type                'Initial release' 
_pdbx_audit_revision_details.description         ? 
_pdbx_audit_revision_details.details             ? 
# 
loop_
_pdbx_audit_revision_group.ordinal 
_pdbx_audit_revision_group.revision_ordinal 
_pdbx_audit_revision_group.data_content_type 
_pdbx_audit_revision_group.group 
1 2 'Structure model' 'Version format compliance' 
2 3 'Structure model' 'Version format compliance' 
3 4 'Structure model' 'Data collection'           
4 4 'Structure model' 'Database references'       
5 4 'Structure model' 'Derived calculations'      
# 
loop_
_pdbx_audit_revision_category.ordinal 
_pdbx_audit_revision_category.revision_ordinal 
_pdbx_audit_revision_category.data_content_type 
_pdbx_audit_revision_category.category 
1 4 'Structure model' chem_comp_atom 
2 4 'Structure model' chem_comp_bond 
3 4 'Structure model' database_2     
4 4 'Structure model' struct_conn    
5 4 'Structure model' struct_site    
# 
loop_
_pdbx_audit_revision_item.ordinal 
_pdbx_audit_revision_item.revision_ordinal 
_pdbx_audit_revision_item.data_content_type 
_pdbx_audit_revision_item.item 
1 4 'Structure model' '_database_2.pdbx_DOI'                
2 4 'Structure model' '_database_2.pdbx_database_accession' 
3 4 'Structure model' '_struct_conn.pdbx_leaving_atom_flag' 
4 4 'Structure model' '_struct_site.pdbx_auth_asym_id'      
5 4 'Structure model' '_struct_site.pdbx_auth_comp_id'      
6 4 'Structure model' '_struct_site.pdbx_auth_seq_id'       
# 
_pdbx_database_status.status_code                     REL 
_pdbx_database_status.entry_id                        319D 
_pdbx_database_status.recvd_initial_deposition_date   1997-03-17 
_pdbx_database_status.deposit_site                    NDB 
_pdbx_database_status.process_site                    NDB 
_pdbx_database_status.status_code_sf                  REL 
_pdbx_database_status.status_code_mr                  ? 
_pdbx_database_status.SG_entry                        ? 
_pdbx_database_status.pdb_format_compatible           Y 
_pdbx_database_status.status_code_cs                  ? 
_pdbx_database_status.status_code_nmr_data            ? 
_pdbx_database_status.methods_development_category    ? 
# 
loop_
_audit_author.name 
_audit_author.pdbx_ordinal 
'Tippin, D.B.'      1 
'Sundaralingam, M.' 2 
# 
_citation.id                        primary 
_citation.title                     
;Nine polymorphic crystal structures of d(CCGGGCCCGG), d(CCGGGCCm5CGG), d(Cm5CGGGCCm5CGG) and d(CCGGGCC(Br)5CGG) in three different conformations: effects of spermine binding and methylation on the bending and condensation of A-DNA.
;
_citation.journal_abbrev            J.Mol.Biol. 
_citation.journal_volume            267 
_citation.page_first                1171 
_citation.page_last                 1185 
_citation.year                      1997 
_citation.journal_id_ASTM           JMOBAK 
_citation.country                   UK 
_citation.journal_id_ISSN           0022-2836 
_citation.journal_id_CSD            0070 
_citation.book_publisher            ? 
_citation.pdbx_database_id_PubMed   9150405 
_citation.pdbx_database_id_DOI      10.1006/jmbi.1997.0945 
# 
loop_
_citation_author.citation_id 
_citation_author.name 
_citation_author.ordinal 
_citation_author.identifier_ORCID 
primary 'Tippin, D.B.'      1 ? 
primary 'Sundaralingam, M.' 2 ? 
# 
loop_
_entity.id 
_entity.type 
_entity.src_method 
_entity.pdbx_description 
_entity.formula_weight 
_entity.pdbx_number_of_molecules 
_entity.pdbx_ec 
_entity.pdbx_mutation 
_entity.pdbx_fragment 
_entity.details 
1 polymer     syn 
;DNA (5'-D(*CP*CP*GP*GP*GP*(CBR)P*CP*CP*GP*G)-3')
;
3125.876 2  ? ? ? ? 
2 non-polymer syn THERMINE                                           188.314  1  ? ? ? ? 
3 water       nat water                                              18.015   92 ? ? ? ? 
# 
_entity_poly.entity_id                      1 
_entity_poly.type                           polydeoxyribonucleotide 
_entity_poly.nstd_linkage                   no 
_entity_poly.nstd_monomer                   yes 
_entity_poly.pdbx_seq_one_letter_code       '(DC)(DC)(DG)(DG)(DG)(CBR)(DC)(DC)(DG)(DG)' 
_entity_poly.pdbx_seq_one_letter_code_can   CCGGGCCCGG 
_entity_poly.pdbx_strand_id                 A,B 
_entity_poly.pdbx_target_identifier         ? 
# 
loop_
_pdbx_entity_nonpoly.entity_id 
_pdbx_entity_nonpoly.name 
_pdbx_entity_nonpoly.comp_id 
2 THERMINE SPE 
3 water    HOH 
# 
loop_
_entity_poly_seq.entity_id 
_entity_poly_seq.num 
_entity_poly_seq.mon_id 
_entity_poly_seq.hetero 
1 1  DC  n 
1 2  DC  n 
1 3  DG  n 
1 4  DG  n 
1 5  DG  n 
1 6  CBR n 
1 7  DC  n 
1 8  DC  n 
1 9  DG  n 
1 10 DG  n 
# 
loop_
_chem_comp.id 
_chem_comp.type 
_chem_comp.mon_nstd_flag 
_chem_comp.name 
_chem_comp.pdbx_synonyms 
_chem_comp.formula 
_chem_comp.formula_weight 
CBR 'DNA linking' n "5-BROMO-2'-DEOXY-CYTIDINE-5'-MONOPHOSPHATE" ? 'C9 H13 Br N3 O7 P' 386.093 
DC  'DNA linking' y "2'-DEOXYCYTIDINE-5'-MONOPHOSPHATE"          ? 'C9 H14 N3 O7 P'    307.197 
DG  'DNA linking' y "2'-DEOXYGUANOSINE-5'-MONOPHOSPHATE"         ? 'C10 H14 N5 O7 P'   347.221 
HOH non-polymer   . WATER                                        ? 'H2 O'              18.015  
SPE non-polymer   . THERMINE                                     ? 'C9 H24 N4'         188.314 
# 
loop_
_pdbx_poly_seq_scheme.asym_id 
_pdbx_poly_seq_scheme.entity_id 
_pdbx_poly_seq_scheme.seq_id 
_pdbx_poly_seq_scheme.mon_id 
_pdbx_poly_seq_scheme.ndb_seq_num 
_pdbx_poly_seq_scheme.pdb_seq_num 
_pdbx_poly_seq_scheme.auth_seq_num 
_pdbx_poly_seq_scheme.pdb_mon_id 
_pdbx_poly_seq_scheme.auth_mon_id 
_pdbx_poly_seq_scheme.pdb_strand_id 
_pdbx_poly_seq_scheme.pdb_ins_code 
_pdbx_poly_seq_scheme.hetero 
A 1 1  DC  1  1  1  DC  C A . n 
A 1 2  DC  2  2  2  DC  C A . n 
A 1 3  DG  3  3  3  DG  G A . n 
A 1 4  DG  4  4  4  DG  G A . n 
A 1 5  DG  5  5  5  DG  G A . n 
A 1 6  CBR 6  6  6  CBR C A . n 
A 1 7  DC  7  7  7  DC  C A . n 
A 1 8  DC  8  8  8  DC  C A . n 
A 1 9  DG  9  9  9  DG  G A . n 
A 1 10 DG  10 10 10 DG  G A . n 
B 1 1  DC  1  11 11 DC  C B . n 
B 1 2  DC  2  12 12 DC  C B . n 
B 1 3  DG  3  13 13 DG  G B . n 
B 1 4  DG  4  14 14 DG  G B . n 
B 1 5  DG  5  15 15 DG  G B . n 
B 1 6  CBR 6  16 16 CBR C B . n 
B 1 7  DC  7  17 17 DC  C B . n 
B 1 8  DC  8  18 18 DC  C B . n 
B 1 9  DG  9  19 19 DG  G B . n 
B 1 10 DG  10 20 20 DG  G B . n 
# 
loop_
_pdbx_nonpoly_scheme.asym_id 
_pdbx_nonpoly_scheme.entity_id 
_pdbx_nonpoly_scheme.mon_id 
_pdbx_nonpoly_scheme.ndb_seq_num 
_pdbx_nonpoly_scheme.pdb_seq_num 
_pdbx_nonpoly_scheme.auth_seq_num 
_pdbx_nonpoly_scheme.pdb_mon_id 
_pdbx_nonpoly_scheme.auth_mon_id 
_pdbx_nonpoly_scheme.pdb_strand_id 
_pdbx_nonpoly_scheme.pdb_ins_code 
C 2 SPE 1  21  21  SPE SPE B . 
D 3 HOH 1  23  23  HOH HOH A . 
D 3 HOH 2  25  25  HOH HOH A . 
D 3 HOH 3  27  27  HOH HOH A . 
D 3 HOH 4  28  28  HOH HOH A . 
D 3 HOH 5  30  30  HOH HOH A . 
D 3 HOH 6  32  32  HOH HOH A . 
D 3 HOH 7  34  34  HOH HOH A . 
D 3 HOH 8  37  37  HOH HOH A . 
D 3 HOH 9  38  38  HOH HOH A . 
D 3 HOH 10 42  42  HOH HOH A . 
D 3 HOH 11 43  43  HOH HOH A . 
D 3 HOH 12 44  44  HOH HOH A . 
D 3 HOH 13 46  46  HOH HOH A . 
D 3 HOH 14 47  47  HOH HOH A . 
D 3 HOH 15 48  48  HOH HOH A . 
D 3 HOH 16 49  49  HOH HOH A . 
D 3 HOH 17 51  51  HOH HOH A . 
D 3 HOH 18 52  52  HOH HOH A . 
D 3 HOH 19 55  55  HOH HOH A . 
D 3 HOH 20 56  56  HOH HOH A . 
D 3 HOH 21 58  58  HOH HOH A . 
D 3 HOH 22 64  64  HOH HOH A . 
D 3 HOH 23 65  65  HOH HOH A . 
D 3 HOH 24 67  67  HOH HOH A . 
D 3 HOH 25 68  68  HOH HOH A . 
D 3 HOH 26 69  69  HOH HOH A . 
D 3 HOH 27 71  71  HOH HOH A . 
D 3 HOH 28 72  72  HOH HOH A . 
D 3 HOH 29 73  73  HOH HOH A . 
D 3 HOH 30 78  78  HOH HOH A . 
D 3 HOH 31 83  83  HOH HOH A . 
D 3 HOH 32 84  84  HOH HOH A . 
D 3 HOH 33 96  96  HOH HOH A . 
D 3 HOH 34 97  97  HOH HOH A . 
D 3 HOH 35 99  99  HOH HOH A . 
D 3 HOH 36 100 100 HOH HOH A . 
D 3 HOH 37 101 101 HOH HOH A . 
D 3 HOH 38 102 102 HOH HOH A . 
D 3 HOH 39 103 103 HOH HOH A . 
D 3 HOH 40 104 104 HOH HOH A . 
D 3 HOH 41 105 105 HOH HOH A . 
D 3 HOH 42 106 106 HOH HOH A . 
D 3 HOH 43 107 107 HOH HOH A . 
D 3 HOH 44 108 108 HOH HOH A . 
D 3 HOH 45 109 109 HOH HOH A . 
D 3 HOH 46 111 111 HOH HOH A . 
D 3 HOH 47 113 113 HOH HOH A . 
E 3 HOH 1  22  22  HOH HOH B . 
E 3 HOH 2  24  24  HOH HOH B . 
E 3 HOH 3  26  26  HOH HOH B . 
E 3 HOH 4  29  29  HOH HOH B . 
E 3 HOH 5  31  31  HOH HOH B . 
E 3 HOH 6  33  33  HOH HOH B . 
E 3 HOH 7  35  35  HOH HOH B . 
E 3 HOH 8  36  36  HOH HOH B . 
E 3 HOH 9  39  39  HOH HOH B . 
E 3 HOH 10 40  40  HOH HOH B . 
E 3 HOH 11 41  41  HOH HOH B . 
E 3 HOH 12 45  45  HOH HOH B . 
E 3 HOH 13 50  50  HOH HOH B . 
E 3 HOH 14 53  53  HOH HOH B . 
E 3 HOH 15 54  54  HOH HOH B . 
E 3 HOH 16 57  57  HOH HOH B . 
E 3 HOH 17 59  59  HOH HOH B . 
E 3 HOH 18 60  60  HOH HOH B . 
E 3 HOH 19 61  61  HOH HOH B . 
E 3 HOH 20 62  62  HOH HOH B . 
E 3 HOH 21 63  63  HOH HOH B . 
E 3 HOH 22 66  66  HOH HOH B . 
E 3 HOH 23 70  70  HOH HOH B . 
E 3 HOH 24 74  74  HOH HOH B . 
E 3 HOH 25 75  75  HOH HOH B . 
E 3 HOH 26 76  76  HOH HOH B . 
E 3 HOH 27 77  77  HOH HOH B . 
E 3 HOH 28 79  79  HOH HOH B . 
E 3 HOH 29 80  80  HOH HOH B . 
E 3 HOH 30 81  81  HOH HOH B . 
E 3 HOH 31 82  82  HOH HOH B . 
E 3 HOH 32 85  85  HOH HOH B . 
E 3 HOH 33 86  86  HOH HOH B . 
E 3 HOH 34 87  87  HOH HOH B . 
E 3 HOH 35 88  88  HOH HOH B . 
E 3 HOH 36 89  89  HOH HOH B . 
E 3 HOH 37 90  90  HOH HOH B . 
E 3 HOH 38 91  91  HOH HOH B . 
E 3 HOH 39 92  92  HOH HOH B . 
E 3 HOH 40 93  93  HOH HOH B . 
E 3 HOH 41 94  94  HOH HOH B . 
E 3 HOH 42 95  95  HOH HOH B . 
E 3 HOH 43 98  98  HOH HOH B . 
E 3 HOH 44 110 110 HOH HOH B . 
E 3 HOH 45 112 112 HOH HOH B . 
# 
loop_
_software.name 
_software.classification 
_software.version 
_software.citation_id 
_software.pdbx_ordinal 
X-PLOR refinement       .        ? 1 
XENGEN 'data reduction' 'V. 2.0' ? 2 
# 
_cell.entry_id           319D 
_cell.length_a           24.360 
_cell.length_b           44.290 
_cell.length_c           48.050 
_cell.angle_alpha        90.00 
_cell.angle_beta         90.00 
_cell.angle_gamma        90.00 
_cell.Z_PDB              8 
_cell.pdbx_unique_axis   ? 
# 
_symmetry.entry_id                         319D 
_symmetry.space_group_name_H-M             'P 21 21 21' 
_symmetry.pdbx_full_space_group_name_H-M   ? 
_symmetry.cell_setting                     ? 
_symmetry.Int_Tables_number                19 
# 
_exptl.entry_id          319D 
_exptl.method            'X-RAY DIFFRACTION' 
_exptl.crystals_number   ? 
# 
_exptl_crystal.id                    1 
_exptl_crystal.density_meas          ? 
_exptl_crystal.density_Matthews      2.07 
_exptl_crystal.density_percent_sol   40.67 
_exptl_crystal.description           ? 
# 
_exptl_crystal_grow.crystal_id      1 
_exptl_crystal_grow.method          'VAPOR DIFFUSION, HANGING DROP' 
_exptl_crystal_grow.temp            295.00 
_exptl_crystal_grow.temp_details    ? 
_exptl_crystal_grow.pH              7.00 
_exptl_crystal_grow.pdbx_details    'pH 7.00, VAPOR DIFFUSION, HANGING DROP, temperature 295.00K' 
_exptl_crystal_grow.pdbx_pH_range   ? 
# 
loop_
_exptl_crystal_grow_comp.crystal_id 
_exptl_crystal_grow_comp.id 
_exptl_crystal_grow_comp.sol_id 
_exptl_crystal_grow_comp.name 
_exptl_crystal_grow_comp.volume 
_exptl_crystal_grow_comp.conc 
_exptl_crystal_grow_comp.details 
1 1 1 WATER           ? ? ? 
1 2 1 'NA CACODYLATE' ? ? ? 
1 3 1 'LA NITRATE'    ? ? ? 
1 4 1 SPERMINE_HCL    ? ? ? 
1 5 2 WATER           ? ? ? 
1 6 2 MPD             ? ? ? 
# 
_diffrn.id                     1 
_diffrn.ambient_temp           295.00 
_diffrn.ambient_temp_details   ? 
_diffrn.crystal_id             1 
# 
_diffrn_detector.diffrn_id              1 
_diffrn_detector.detector               'AREA DETECTOR' 
_diffrn_detector.type                   SIEMENS-NICOLET 
_diffrn_detector.pdbx_collection_date   1995-04-01 
_diffrn_detector.details                ? 
# 
_diffrn_radiation.diffrn_id                        1 
_diffrn_radiation.wavelength_id                    1 
_diffrn_radiation.pdbx_monochromatic_or_laue_m_l   M 
_diffrn_radiation.monochromator                    ? 
_diffrn_radiation.pdbx_diffrn_protocol             ? 
_diffrn_radiation.pdbx_scattering_type             x-ray 
# 
_diffrn_radiation_wavelength.id           1 
_diffrn_radiation_wavelength.wavelength   . 
_diffrn_radiation_wavelength.wt           1.0 
# 
_diffrn_source.diffrn_id                   1 
_diffrn_source.source                      'ROTATING ANODE' 
_diffrn_source.type                        ? 
_diffrn_source.pdbx_synchrotron_site       ? 
_diffrn_source.pdbx_synchrotron_beamline   ? 
_diffrn_source.pdbx_wavelength             ? 
_diffrn_source.pdbx_wavelength_list        ? 
# 
_reflns.entry_id                     319D 
_reflns.observed_criterion_sigma_I   2.000 
_reflns.observed_criterion_sigma_F   ? 
_reflns.d_resolution_low             ? 
_reflns.d_resolution_high            2.200 
_reflns.number_obs                   2379 
_reflns.number_all                   ? 
_reflns.percent_possible_obs         85.000 
_reflns.pdbx_Rmerge_I_obs            0.036 
_reflns.pdbx_Rsym_value              ? 
_reflns.pdbx_netI_over_sigmaI        16.500 
_reflns.B_iso_Wilson_estimate        ? 
_reflns.pdbx_redundancy              ? 
_reflns.pdbx_diffrn_id               1 
_reflns.pdbx_ordinal                 1 
# 
_refine.entry_id                                 319D 
_refine.ls_number_reflns_obs                     2379 
_refine.ls_number_reflns_all                     ? 
_refine.pdbx_ls_sigma_I                          ? 
_refine.pdbx_ls_sigma_F                          1.000 
_refine.pdbx_data_cutoff_high_absF               ? 
_refine.pdbx_data_cutoff_low_absF                ? 
_refine.pdbx_data_cutoff_high_rms_absF           ? 
_refine.ls_d_res_low                             8.000 
_refine.ls_d_res_high                            2.200 
_refine.ls_percent_reflns_obs                    ? 
_refine.ls_R_factor_obs                          0.15 
_refine.ls_R_factor_all                          ? 
_refine.ls_R_factor_R_work                       0.15 
_refine.ls_R_factor_R_free                       0.172 
_refine.ls_R_factor_R_free_error                 ? 
_refine.ls_R_factor_R_free_error_details         ? 
_refine.ls_percent_reflns_R_free                 ? 
_refine.ls_number_reflns_R_free                  ? 
_refine.ls_number_parameters                     ? 
_refine.ls_number_restraints                     ? 
_refine.occupancy_min                            ? 
_refine.occupancy_max                            ? 
_refine.B_iso_mean                               ? 
_refine.aniso_B[1][1]                            ? 
_refine.aniso_B[2][2]                            ? 
_refine.aniso_B[3][3]                            ? 
_refine.aniso_B[1][2]                            ? 
_refine.aniso_B[1][3]                            ? 
_refine.aniso_B[2][3]                            ? 
_refine.solvent_model_details                    ? 
_refine.solvent_model_param_ksol                 ? 
_refine.solvent_model_param_bsol                 ? 
_refine.pdbx_ls_cross_valid_method               ? 
_refine.details                                  ? 
_refine.pdbx_starting_model                      ? 
_refine.pdbx_method_to_determine_struct          ? 
_refine.pdbx_isotropic_thermal_model             ? 
_refine.pdbx_stereochemistry_target_values       ? 
_refine.pdbx_stereochem_target_val_spec_case     ? 
_refine.pdbx_R_Free_selection_details            ? 
_refine.pdbx_overall_ESU_R                       ? 
_refine.pdbx_overall_ESU_R_Free                  ? 
_refine.overall_SU_ML                            ? 
_refine.overall_SU_B                             ? 
_refine.pdbx_refine_id                           'X-RAY DIFFRACTION' 
_refine.pdbx_diffrn_id                           1 
_refine.pdbx_TLS_residual_ADP_flag               ? 
_refine.correlation_coeff_Fo_to_Fc               ? 
_refine.correlation_coeff_Fo_to_Fc_free          ? 
_refine.pdbx_solvent_vdw_probe_radii             ? 
_refine.pdbx_solvent_ion_probe_radii             ? 
_refine.pdbx_solvent_shrinkage_radii             ? 
_refine.pdbx_overall_phase_error                 ? 
_refine.overall_SU_R_Cruickshank_DPI             ? 
_refine.pdbx_overall_SU_R_free_Cruickshank_DPI   ? 
_refine.pdbx_overall_SU_R_Blow_DPI               ? 
_refine.pdbx_overall_SU_R_free_Blow_DPI          ? 
# 
_refine_hist.pdbx_refine_id                   'X-RAY DIFFRACTION' 
_refine_hist.cycle_id                         LAST 
_refine_hist.pdbx_number_atoms_protein        0 
_refine_hist.pdbx_number_atoms_nucleic_acid   404 
_refine_hist.pdbx_number_atoms_ligand         15 
_refine_hist.number_atoms_solvent             92 
_refine_hist.number_atoms_total               511 
_refine_hist.d_res_high                       2.200 
_refine_hist.d_res_low                        8.000 
# 
loop_
_refine_ls_restr.type 
_refine_ls_restr.dev_ideal 
_refine_ls_restr.dev_ideal_target 
_refine_ls_restr.weight 
_refine_ls_restr.number 
_refine_ls_restr.pdbx_refine_id 
_refine_ls_restr.pdbx_restraint_function 
x_bond_d                0.010 ? ? ? 'X-RAY DIFFRACTION' ? 
x_bond_d_na             ?     ? ? ? 'X-RAY DIFFRACTION' ? 
x_bond_d_prot           ?     ? ? ? 'X-RAY DIFFRACTION' ? 
x_angle_d               ?     ? ? ? 'X-RAY DIFFRACTION' ? 
x_angle_d_na            ?     ? ? ? 'X-RAY DIFFRACTION' ? 
x_angle_d_prot          ?     ? ? ? 'X-RAY DIFFRACTION' ? 
x_angle_deg             2.00  ? ? ? 'X-RAY DIFFRACTION' ? 
x_angle_deg_na          ?     ? ? ? 'X-RAY DIFFRACTION' ? 
x_angle_deg_prot        ?     ? ? ? 'X-RAY DIFFRACTION' ? 
x_dihedral_angle_d      ?     ? ? ? 'X-RAY DIFFRACTION' ? 
x_dihedral_angle_d_na   ?     ? ? ? 'X-RAY DIFFRACTION' ? 
x_dihedral_angle_d_prot ?     ? ? ? 'X-RAY DIFFRACTION' ? 
x_improper_angle_d      ?     ? ? ? 'X-RAY DIFFRACTION' ? 
x_improper_angle_d_na   ?     ? ? ? 'X-RAY DIFFRACTION' ? 
x_improper_angle_d_prot ?     ? ? ? 'X-RAY DIFFRACTION' ? 
x_mcbond_it             ?     ? ? ? 'X-RAY DIFFRACTION' ? 
x_mcangle_it            ?     ? ? ? 'X-RAY DIFFRACTION' ? 
x_scbond_it             ?     ? ? ? 'X-RAY DIFFRACTION' ? 
x_scangle_it            ?     ? ? ? 'X-RAY DIFFRACTION' ? 
# 
_struct.entry_id                  319D 
_struct.title                     'CRYSTAL STRUCTURES OF D(CCGGG(BR)5CCCGG)-ORTHOGONAL FORM' 
_struct.pdbx_model_details        ? 
_struct.pdbx_CASP_flag            ? 
_struct.pdbx_model_type_details   ? 
# 
_struct_keywords.entry_id        319D 
_struct_keywords.pdbx_keywords   DNA 
_struct_keywords.text            'A-DNA, DOUBLE HELIX, MODIFIED, DNA' 
# 
loop_
_struct_asym.id 
_struct_asym.pdbx_blank_PDB_chainid_flag 
_struct_asym.pdbx_modified 
_struct_asym.entity_id 
_struct_asym.details 
A N N 1 ? 
B N N 1 ? 
C N N 2 ? 
D N N 3 ? 
E N N 3 ? 
# 
_struct_ref.id                         1 
_struct_ref.entity_id                  1 
_struct_ref.db_name                    PDB 
_struct_ref.db_code                    319D 
_struct_ref.pdbx_db_accession          319D 
_struct_ref.pdbx_db_isoform            ? 
_struct_ref.pdbx_seq_one_letter_code   ? 
_struct_ref.pdbx_align_begin           ? 
# 
loop_
_struct_ref_seq.align_id 
_struct_ref_seq.ref_id 
_struct_ref_seq.pdbx_PDB_id_code 
_struct_ref_seq.pdbx_strand_id 
_struct_ref_seq.seq_align_beg 
_struct_ref_seq.pdbx_seq_align_beg_ins_code 
_struct_ref_seq.seq_align_end 
_struct_ref_seq.pdbx_seq_align_end_ins_code 
_struct_ref_seq.pdbx_db_accession 
_struct_ref_seq.db_align_beg 
_struct_ref_seq.pdbx_db_align_beg_ins_code 
_struct_ref_seq.db_align_end 
_struct_ref_seq.pdbx_db_align_end_ins_code 
_struct_ref_seq.pdbx_auth_seq_align_beg 
_struct_ref_seq.pdbx_auth_seq_align_end 
1 1 319D A 1 ? 10 ? 319D 1  ? 10 ? 1  10 
2 1 319D B 1 ? 10 ? 319D 11 ? 20 ? 11 20 
# 
_pdbx_struct_assembly.id                   1 
_pdbx_struct_assembly.details              author_defined_assembly 
_pdbx_struct_assembly.method_details       ? 
_pdbx_struct_assembly.oligomeric_details   dimeric 
_pdbx_struct_assembly.oligomeric_count     2 
# 
_pdbx_struct_assembly_gen.assembly_id       1 
_pdbx_struct_assembly_gen.oper_expression   1 
_pdbx_struct_assembly_gen.asym_id_list      A,B,C,D,E 
# 
_pdbx_struct_oper_list.id                   1 
_pdbx_struct_oper_list.type                 'identity operation' 
_pdbx_struct_oper_list.name                 1_555 
_pdbx_struct_oper_list.symmetry_operation   x,y,z 
_pdbx_struct_oper_list.matrix[1][1]         1.0000000000 
_pdbx_struct_oper_list.matrix[1][2]         0.0000000000 
_pdbx_struct_oper_list.matrix[1][3]         0.0000000000 
_pdbx_struct_oper_list.vector[1]            0.0000000000 
_pdbx_struct_oper_list.matrix[2][1]         0.0000000000 
_pdbx_struct_oper_list.matrix[2][2]         1.0000000000 
_pdbx_struct_oper_list.matrix[2][3]         0.0000000000 
_pdbx_struct_oper_list.vector[2]            0.0000000000 
_pdbx_struct_oper_list.matrix[3][1]         0.0000000000 
_pdbx_struct_oper_list.matrix[3][2]         0.0000000000 
_pdbx_struct_oper_list.matrix[3][3]         1.0000000000 
_pdbx_struct_oper_list.vector[3]            0.0000000000 
# 
_struct_biol.id   1 
# 
loop_
_struct_conn.id 
_struct_conn.conn_type_id 
_struct_conn.pdbx_leaving_atom_flag 
_struct_conn.pdbx_PDB_id 
_struct_conn.ptnr1_label_asym_id 
_struct_conn.ptnr1_label_comp_id 
_struct_conn.ptnr1_label_seq_id 
_struct_conn.ptnr1_label_atom_id 
_struct_conn.pdbx_ptnr1_label_alt_id 
_struct_conn.pdbx_ptnr1_PDB_ins_code 
_struct_conn.pdbx_ptnr1_standard_comp_id 
_struct_conn.ptnr1_symmetry 
_struct_conn.ptnr2_label_asym_id 
_struct_conn.ptnr2_label_comp_id 
_struct_conn.ptnr2_label_seq_id 
_struct_conn.ptnr2_label_atom_id 
_struct_conn.pdbx_ptnr2_label_alt_id 
_struct_conn.pdbx_ptnr2_PDB_ins_code 
_struct_conn.ptnr1_auth_asym_id 
_struct_conn.ptnr1_auth_comp_id 
_struct_conn.ptnr1_auth_seq_id 
_struct_conn.ptnr2_auth_asym_id 
_struct_conn.ptnr2_auth_comp_id 
_struct_conn.ptnr2_auth_seq_id 
_struct_conn.ptnr2_symmetry 
_struct_conn.pdbx_ptnr3_label_atom_id 
_struct_conn.pdbx_ptnr3_label_seq_id 
_struct_conn.pdbx_ptnr3_label_comp_id 
_struct_conn.pdbx_ptnr3_label_asym_id 
_struct_conn.pdbx_ptnr3_label_alt_id 
_struct_conn.pdbx_ptnr3_PDB_ins_code 
_struct_conn.details 
_struct_conn.pdbx_dist_value 
_struct_conn.pdbx_value_order 
_struct_conn.pdbx_role 
covale1  covale both ? A DG  5  "O3'" ? ? ? 1_555 A CBR 6  P  ? ? A DG  5  A CBR 6  1_555 ? ? ? ? ? ? ?            1.606 ? ? 
covale2  covale both ? A CBR 6  "O3'" ? ? ? 1_555 A DC  7  P  ? ? A CBR 6  A DC  7  1_555 ? ? ? ? ? ? ?            1.625 ? ? 
covale3  covale both ? B DG  5  "O3'" ? ? ? 1_555 B CBR 6  P  ? ? B DG  15 B CBR 16 1_555 ? ? ? ? ? ? ?            1.630 ? ? 
covale4  covale both ? B CBR 6  "O3'" ? ? ? 1_555 B DC  7  P  ? ? B CBR 16 B DC  17 1_555 ? ? ? ? ? ? ?            1.592 ? ? 
hydrog1  hydrog ?    ? A DC  1  N3    ? ? ? 1_555 B DG  10 N1 ? ? A DC  1  B DG  20 1_555 ? ? ? ? ? ? WATSON-CRICK ?     ? ? 
hydrog2  hydrog ?    ? A DC  1  N4    ? ? ? 1_555 B DG  10 O6 ? ? A DC  1  B DG  20 1_555 ? ? ? ? ? ? WATSON-CRICK ?     ? ? 
hydrog3  hydrog ?    ? A DC  1  O2    ? ? ? 1_555 B DG  10 N2 ? ? A DC  1  B DG  20 1_555 ? ? ? ? ? ? WATSON-CRICK ?     ? ? 
hydrog4  hydrog ?    ? A DC  2  N3    ? ? ? 1_555 B DG  9  N1 ? ? A DC  2  B DG  19 1_555 ? ? ? ? ? ? WATSON-CRICK ?     ? ? 
hydrog5  hydrog ?    ? A DC  2  N4    ? ? ? 1_555 B DG  9  O6 ? ? A DC  2  B DG  19 1_555 ? ? ? ? ? ? WATSON-CRICK ?     ? ? 
hydrog6  hydrog ?    ? A DC  2  O2    ? ? ? 1_555 B DG  9  N2 ? ? A DC  2  B DG  19 1_555 ? ? ? ? ? ? WATSON-CRICK ?     ? ? 
hydrog7  hydrog ?    ? A DG  3  N1    ? ? ? 1_555 B DC  8  N3 ? ? A DG  3  B DC  18 1_555 ? ? ? ? ? ? WATSON-CRICK ?     ? ? 
hydrog8  hydrog ?    ? A DG  3  N2    ? ? ? 1_555 B DC  8  O2 ? ? A DG  3  B DC  18 1_555 ? ? ? ? ? ? WATSON-CRICK ?     ? ? 
hydrog9  hydrog ?    ? A DG  3  O6    ? ? ? 1_555 B DC  8  N4 ? ? A DG  3  B DC  18 1_555 ? ? ? ? ? ? WATSON-CRICK ?     ? ? 
hydrog10 hydrog ?    ? A DG  4  N1    ? ? ? 1_555 B DC  7  N3 ? ? A DG  4  B DC  17 1_555 ? ? ? ? ? ? WATSON-CRICK ?     ? ? 
hydrog11 hydrog ?    ? A DG  4  N2    ? ? ? 1_555 B DC  7  O2 ? ? A DG  4  B DC  17 1_555 ? ? ? ? ? ? WATSON-CRICK ?     ? ? 
hydrog12 hydrog ?    ? A DG  4  O6    ? ? ? 1_555 B DC  7  N4 ? ? A DG  4  B DC  17 1_555 ? ? ? ? ? ? WATSON-CRICK ?     ? ? 
hydrog13 hydrog ?    ? A DG  5  N1    ? ? ? 1_555 B CBR 6  N3 ? ? A DG  5  B CBR 16 1_555 ? ? ? ? ? ? WATSON-CRICK ?     ? ? 
hydrog14 hydrog ?    ? A DG  5  N2    ? ? ? 1_555 B CBR 6  O2 ? ? A DG  5  B CBR 16 1_555 ? ? ? ? ? ? WATSON-CRICK ?     ? ? 
hydrog15 hydrog ?    ? A DG  5  O6    ? ? ? 1_555 B CBR 6  N4 ? ? A DG  5  B CBR 16 1_555 ? ? ? ? ? ? WATSON-CRICK ?     ? ? 
hydrog16 hydrog ?    ? A CBR 6  N3    ? ? ? 1_555 B DG  5  N1 ? ? A CBR 6  B DG  15 1_555 ? ? ? ? ? ? WATSON-CRICK ?     ? ? 
hydrog17 hydrog ?    ? A CBR 6  N4    ? ? ? 1_555 B DG  5  O6 ? ? A CBR 6  B DG  15 1_555 ? ? ? ? ? ? WATSON-CRICK ?     ? ? 
hydrog18 hydrog ?    ? A CBR 6  O2    ? ? ? 1_555 B DG  5  N2 ? ? A CBR 6  B DG  15 1_555 ? ? ? ? ? ? WATSON-CRICK ?     ? ? 
hydrog19 hydrog ?    ? A DC  7  N3    ? ? ? 1_555 B DG  4  N1 ? ? A DC  7  B DG  14 1_555 ? ? ? ? ? ? WATSON-CRICK ?     ? ? 
hydrog20 hydrog ?    ? A DC  7  N4    ? ? ? 1_555 B DG  4  O6 ? ? A DC  7  B DG  14 1_555 ? ? ? ? ? ? WATSON-CRICK ?     ? ? 
hydrog21 hydrog ?    ? A DC  7  O2    ? ? ? 1_555 B DG  4  N2 ? ? A DC  7  B DG  14 1_555 ? ? ? ? ? ? WATSON-CRICK ?     ? ? 
hydrog22 hydrog ?    ? A DC  8  N3    ? ? ? 1_555 B DG  3  N1 ? ? A DC  8  B DG  13 1_555 ? ? ? ? ? ? WATSON-CRICK ?     ? ? 
hydrog23 hydrog ?    ? A DC  8  N4    ? ? ? 1_555 B DG  3  O6 ? ? A DC  8  B DG  13 1_555 ? ? ? ? ? ? WATSON-CRICK ?     ? ? 
hydrog24 hydrog ?    ? A DC  8  O2    ? ? ? 1_555 B DG  3  N2 ? ? A DC  8  B DG  13 1_555 ? ? ? ? ? ? WATSON-CRICK ?     ? ? 
hydrog25 hydrog ?    ? A DG  9  N1    ? ? ? 1_555 B DC  2  N3 ? ? A DG  9  B DC  12 1_555 ? ? ? ? ? ? WATSON-CRICK ?     ? ? 
hydrog26 hydrog ?    ? A DG  9  N2    ? ? ? 1_555 B DC  2  O2 ? ? A DG  9  B DC  12 1_555 ? ? ? ? ? ? WATSON-CRICK ?     ? ? 
hydrog27 hydrog ?    ? A DG  9  O6    ? ? ? 1_555 B DC  2  N4 ? ? A DG  9  B DC  12 1_555 ? ? ? ? ? ? WATSON-CRICK ?     ? ? 
hydrog28 hydrog ?    ? A DG  10 N1    ? ? ? 1_555 B DC  1  N3 ? ? A DG  10 B DC  11 1_555 ? ? ? ? ? ? WATSON-CRICK ?     ? ? 
hydrog29 hydrog ?    ? A DG  10 N2    ? ? ? 1_555 B DC  1  O2 ? ? A DG  10 B DC  11 1_555 ? ? ? ? ? ? WATSON-CRICK ?     ? ? 
hydrog30 hydrog ?    ? A DG  10 O6    ? ? ? 1_555 B DC  1  N4 ? ? A DG  10 B DC  11 1_555 ? ? ? ? ? ? WATSON-CRICK ?     ? ? 
# 
loop_
_struct_conn_type.id 
_struct_conn_type.criteria 
_struct_conn_type.reference 
covale ? ? 
hydrog ? ? 
# 
_struct_site.id                   AC1 
_struct_site.pdbx_evidence_code   Software 
_struct_site.pdbx_auth_asym_id    B 
_struct_site.pdbx_auth_comp_id    SPE 
_struct_site.pdbx_auth_seq_id     21 
_struct_site.pdbx_auth_ins_code   ? 
_struct_site.pdbx_num_residues    8 
_struct_site.details              'BINDING SITE FOR RESIDUE SPE B 21' 
# 
loop_
_struct_site_gen.id 
_struct_site_gen.site_id 
_struct_site_gen.pdbx_num_res 
_struct_site_gen.label_comp_id 
_struct_site_gen.label_asym_id 
_struct_site_gen.label_seq_id 
_struct_site_gen.pdbx_auth_ins_code 
_struct_site_gen.auth_comp_id 
_struct_site_gen.auth_asym_id 
_struct_site_gen.auth_seq_id 
_struct_site_gen.label_atom_id 
_struct_site_gen.label_alt_id 
_struct_site_gen.symmetry 
_struct_site_gen.details 
1 AC1 8 DG  A 9  ? DG  A 9  . ? 3_555 ? 
2 AC1 8 DG  A 10 ? DG  A 10 . ? 3_555 ? 
3 AC1 8 DG  B 4  ? DG  B 14 . ? 2_455 ? 
4 AC1 8 DG  B 5  ? DG  B 15 . ? 2_455 ? 
5 AC1 8 DG  B 9  ? DG  B 19 . ? 1_555 ? 
6 AC1 8 DG  B 10 ? DG  B 20 . ? 1_555 ? 
7 AC1 8 HOH E .  ? HOH B 22 . ? 1_555 ? 
8 AC1 8 HOH E .  ? HOH B 63 . ? 2_455 ? 
# 
loop_
_pdbx_validate_rmsd_angle.id 
_pdbx_validate_rmsd_angle.PDB_model_num 
_pdbx_validate_rmsd_angle.auth_atom_id_1 
_pdbx_validate_rmsd_angle.auth_asym_id_1 
_pdbx_validate_rmsd_angle.auth_comp_id_1 
_pdbx_validate_rmsd_angle.auth_seq_id_1 
_pdbx_validate_rmsd_angle.PDB_ins_code_1 
_pdbx_validate_rmsd_angle.label_alt_id_1 
_pdbx_validate_rmsd_angle.auth_atom_id_2 
_pdbx_validate_rmsd_angle.auth_asym_id_2 
_pdbx_validate_rmsd_angle.auth_comp_id_2 
_pdbx_validate_rmsd_angle.auth_seq_id_2 
_pdbx_validate_rmsd_angle.PDB_ins_code_2 
_pdbx_validate_rmsd_angle.label_alt_id_2 
_pdbx_validate_rmsd_angle.auth_atom_id_3 
_pdbx_validate_rmsd_angle.auth_asym_id_3 
_pdbx_validate_rmsd_angle.auth_comp_id_3 
_pdbx_validate_rmsd_angle.auth_seq_id_3 
_pdbx_validate_rmsd_angle.PDB_ins_code_3 
_pdbx_validate_rmsd_angle.label_alt_id_3 
_pdbx_validate_rmsd_angle.angle_value 
_pdbx_validate_rmsd_angle.angle_target_value 
_pdbx_validate_rmsd_angle.angle_deviation 
_pdbx_validate_rmsd_angle.angle_standard_deviation 
_pdbx_validate_rmsd_angle.linker_flag 
1  1 "O4'" A DC 1  ? ? "C1'" A DC 1  ? ? N1    A DC 1  ? ? 112.16 108.30 3.86   0.30 N 
2  1 N1    A DC 1  ? ? C2    A DC 1  ? ? O2    A DC 1  ? ? 123.10 118.90 4.20   0.60 N 
3  1 "O4'" A DC 2  ? ? "C1'" A DC 2  ? ? N1    A DC 2  ? ? 113.54 108.30 5.24   0.30 N 
4  1 "O4'" A DG 4  ? ? "C1'" A DG 4  ? ? N9    A DG 4  ? ? 110.19 108.30 1.89   0.30 N 
5  1 "O4'" A DG 5  ? ? "C1'" A DG 5  ? ? N9    A DG 5  ? ? 111.78 108.30 3.48   0.30 N 
6  1 "C4'" A DC 7  ? ? "C3'" A DC 7  ? ? "C2'" A DC 7  ? ? 96.30  102.20 -5.90  0.70 N 
7  1 "O4'" A DC 7  ? ? "C1'" A DC 7  ? ? N1    A DC 7  ? ? 113.80 108.30 5.50   0.30 N 
8  1 "C5'" A DC 8  ? ? "C4'" A DC 8  ? ? "C3'" A DC 8  ? ? 99.55  114.10 -14.55 1.80 N 
9  1 "O4'" A DC 8  ? ? "C1'" A DC 8  ? ? N1    A DC 8  ? ? 113.74 108.30 5.44   0.30 N 
10 1 "C4'" A DG 9  ? ? "C3'" A DG 9  ? ? "C2'" A DG 9  ? ? 96.97  102.20 -5.23  0.70 N 
11 1 "O4'" A DG 9  ? ? "C1'" A DG 9  ? ? N9    A DG 9  ? ? 113.49 108.30 5.19   0.30 N 
12 1 "O4'" A DG 10 ? ? "C1'" A DG 10 ? ? N9    A DG 10 ? ? 110.72 108.30 2.42   0.30 N 
13 1 "O4'" B DC 11 ? ? "C1'" B DC 11 ? ? N1    B DC 11 ? ? 112.64 108.30 4.34   0.30 N 
14 1 N1    B DC 11 ? ? C2    B DC 11 ? ? O2    B DC 11 ? ? 122.83 118.90 3.93   0.60 N 
15 1 "O4'" B DC 12 ? ? "C1'" B DC 12 ? ? N1    B DC 12 ? ? 113.83 108.30 5.53   0.30 N 
16 1 N1    B DC 12 ? ? C2    B DC 12 ? ? O2    B DC 12 ? ? 123.10 118.90 4.20   0.60 N 
17 1 "C4'" B DG 13 ? ? "C3'" B DG 13 ? ? "C2'" B DG 13 ? ? 97.08  102.20 -5.12  0.70 N 
18 1 "O4'" B DG 13 ? ? "C1'" B DG 13 ? ? N9    B DG 13 ? ? 111.48 108.30 3.18   0.30 N 
19 1 "O4'" B DG 14 ? ? "C1'" B DG 14 ? ? N9    B DG 14 ? ? 112.42 108.30 4.12   0.30 N 
20 1 "O4'" B DG 15 ? ? "C1'" B DG 15 ? ? N9    B DG 15 ? ? 110.89 108.30 2.59   0.30 N 
21 1 "O4'" B DC 17 ? ? "C1'" B DC 17 ? ? N1    B DC 17 ? ? 113.56 108.30 5.26   0.30 N 
22 1 "C4'" B DC 18 ? ? "C3'" B DC 18 ? ? "C2'" B DC 18 ? ? 97.86  102.20 -4.34  0.70 N 
23 1 "O4'" B DC 18 ? ? "C1'" B DC 18 ? ? N1    B DC 18 ? ? 117.37 108.30 9.07   0.30 N 
24 1 "C4'" B DG 19 ? ? "C3'" B DG 19 ? ? "C2'" B DG 19 ? ? 97.49  102.20 -4.71  0.70 N 
25 1 "O4'" B DG 19 ? ? "C1'" B DG 19 ? ? N9    B DG 19 ? ? 111.81 108.30 3.51   0.30 N 
26 1 "O4'" B DG 20 ? ? "C1'" B DG 20 ? ? N9    B DG 20 ? ? 112.62 108.30 4.32   0.30 N 
# 
_pdbx_validate_planes.id              1 
_pdbx_validate_planes.PDB_model_num   1 
_pdbx_validate_planes.auth_comp_id    DC 
_pdbx_validate_planes.auth_asym_id    A 
_pdbx_validate_planes.auth_seq_id     2 
_pdbx_validate_planes.PDB_ins_code    ? 
_pdbx_validate_planes.label_alt_id    ? 
_pdbx_validate_planes.rmsd            0.063 
_pdbx_validate_planes.type            'SIDE CHAIN' 
# 
loop_
_pdbx_struct_mod_residue.id 
_pdbx_struct_mod_residue.label_asym_id 
_pdbx_struct_mod_residue.label_comp_id 
_pdbx_struct_mod_residue.label_seq_id 
_pdbx_struct_mod_residue.auth_asym_id 
_pdbx_struct_mod_residue.auth_comp_id 
_pdbx_struct_mod_residue.auth_seq_id 
_pdbx_struct_mod_residue.PDB_ins_code 
_pdbx_struct_mod_residue.parent_comp_id 
_pdbx_struct_mod_residue.details 
1 A CBR 6 A CBR 6  ? DC ? 
2 B CBR 6 B CBR 16 ? DC ? 
# 
loop_
_refine_B_iso.class 
_refine_B_iso.details 
_refine_B_iso.treatment 
_refine_B_iso.pdbx_refine_id 
'ALL ATOMS'  TR isotropic 'X-RAY DIFFRACTION' 
'ALL WATERS' TR isotropic 'X-RAY DIFFRACTION' 
# 
loop_
_refine_occupancy.class 
_refine_occupancy.treatment 
_refine_occupancy.pdbx_refine_id 
'ALL ATOMS'  fix 'X-RAY DIFFRACTION' 
'ALL WATERS' fix 'X-RAY DIFFRACTION' 
# 
loop_
_chem_comp_atom.comp_id 
_chem_comp_atom.atom_id 
_chem_comp_atom.type_symbol 
_chem_comp_atom.pdbx_aromatic_flag 
_chem_comp_atom.pdbx_stereo_config 
_chem_comp_atom.pdbx_ordinal 
CBR BR     BR N N 1   
CBR P      P  N N 2   
CBR OP1    O  N N 3   
CBR OP2    O  N N 4   
CBR "O5'"  O  N N 5   
CBR N1     N  N N 6   
CBR C6     C  N N 7   
CBR C2     C  N N 8   
CBR O2     O  N N 9   
CBR N3     N  N N 10  
CBR C4     C  N N 11  
CBR N4     N  N N 12  
CBR C5     C  N N 13  
CBR "C2'"  C  N N 14  
CBR "C5'"  C  N N 15  
CBR "C4'"  C  N R 16  
CBR "O4'"  O  N N 17  
CBR "C1'"  C  N R 18  
CBR "C3'"  C  N S 19  
CBR "O3'"  O  N N 20  
CBR OP3    O  N N 21  
CBR HOP2   H  N N 22  
CBR H6     H  N N 23  
CBR H41    H  N N 24  
CBR H42    H  N N 25  
CBR "H2'"  H  N N 26  
CBR "H2''" H  N N 27  
CBR "H5'"  H  N N 28  
CBR "H5''" H  N N 29  
CBR "H4'"  H  N N 30  
CBR "H1'"  H  N N 31  
CBR "H3'"  H  N N 32  
CBR "HO3'" H  N N 33  
CBR HOP3   H  N N 34  
DC  OP3    O  N N 35  
DC  P      P  N N 36  
DC  OP1    O  N N 37  
DC  OP2    O  N N 38  
DC  "O5'"  O  N N 39  
DC  "C5'"  C  N N 40  
DC  "C4'"  C  N R 41  
DC  "O4'"  O  N N 42  
DC  "C3'"  C  N S 43  
DC  "O3'"  O  N N 44  
DC  "C2'"  C  N N 45  
DC  "C1'"  C  N R 46  
DC  N1     N  N N 47  
DC  C2     C  N N 48  
DC  O2     O  N N 49  
DC  N3     N  N N 50  
DC  C4     C  N N 51  
DC  N4     N  N N 52  
DC  C5     C  N N 53  
DC  C6     C  N N 54  
DC  HOP3   H  N N 55  
DC  HOP2   H  N N 56  
DC  "H5'"  H  N N 57  
DC  "H5''" H  N N 58  
DC  "H4'"  H  N N 59  
DC  "H3'"  H  N N 60  
DC  "HO3'" H  N N 61  
DC  "H2'"  H  N N 62  
DC  "H2''" H  N N 63  
DC  "H1'"  H  N N 64  
DC  H41    H  N N 65  
DC  H42    H  N N 66  
DC  H5     H  N N 67  
DC  H6     H  N N 68  
DG  OP3    O  N N 69  
DG  P      P  N N 70  
DG  OP1    O  N N 71  
DG  OP2    O  N N 72  
DG  "O5'"  O  N N 73  
DG  "C5'"  C  N N 74  
DG  "C4'"  C  N R 75  
DG  "O4'"  O  N N 76  
DG  "C3'"  C  N S 77  
DG  "O3'"  O  N N 78  
DG  "C2'"  C  N N 79  
DG  "C1'"  C  N R 80  
DG  N9     N  Y N 81  
DG  C8     C  Y N 82  
DG  N7     N  Y N 83  
DG  C5     C  Y N 84  
DG  C6     C  N N 85  
DG  O6     O  N N 86  
DG  N1     N  N N 87  
DG  C2     C  N N 88  
DG  N2     N  N N 89  
DG  N3     N  N N 90  
DG  C4     C  Y N 91  
DG  HOP3   H  N N 92  
DG  HOP2   H  N N 93  
DG  "H5'"  H  N N 94  
DG  "H5''" H  N N 95  
DG  "H4'"  H  N N 96  
DG  "H3'"  H  N N 97  
DG  "HO3'" H  N N 98  
DG  "H2'"  H  N N 99  
DG  "H2''" H  N N 100 
DG  "H1'"  H  N N 101 
DG  H8     H  N N 102 
DG  H1     H  N N 103 
DG  H21    H  N N 104 
DG  H22    H  N N 105 
HOH O      O  N N 106 
HOH H1     H  N N 107 
HOH H2     H  N N 108 
SPE N1     N  N N 109 
SPE C2     C  N N 110 
SPE C3     C  N N 111 
SPE C4     C  N N 112 
SPE N5     N  N N 113 
SPE C6     C  N N 114 
SPE C7     C  N N 115 
SPE C8     C  N N 116 
SPE N9     N  N N 117 
SPE C10    C  N N 118 
SPE C11    C  N N 119 
SPE C12    C  N N 120 
SPE N13    N  N N 121 
SPE HN11   H  N N 122 
SPE HN12   H  N N 123 
SPE H21    H  N N 124 
SPE H22    H  N N 125 
SPE H31    H  N N 126 
SPE H32    H  N N 127 
SPE H41    H  N N 128 
SPE H42    H  N N 129 
SPE HN5    H  N N 130 
SPE H61    H  N N 131 
SPE H62    H  N N 132 
SPE H71    H  N N 133 
SPE H72    H  N N 134 
SPE H81    H  N N 135 
SPE H82    H  N N 136 
SPE HN9    H  N N 137 
SPE H101   H  N N 138 
SPE H102   H  N N 139 
SPE H111   H  N N 140 
SPE H112   H  N N 141 
SPE H121   H  N N 142 
SPE H122   H  N N 143 
SPE HN31   H  N N 144 
SPE HN32   H  N N 145 
# 
loop_
_chem_comp_bond.comp_id 
_chem_comp_bond.atom_id_1 
_chem_comp_bond.atom_id_2 
_chem_comp_bond.value_order 
_chem_comp_bond.pdbx_aromatic_flag 
_chem_comp_bond.pdbx_stereo_config 
_chem_comp_bond.pdbx_ordinal 
CBR BR    C5     sing N N 1   
CBR P     OP1    doub N N 2   
CBR P     OP2    sing N N 3   
CBR P     "O5'"  sing N N 4   
CBR P     OP3    sing N N 5   
CBR OP2   HOP2   sing N N 6   
CBR "O5'" "C5'"  sing N N 7   
CBR N1    C6     sing N N 8   
CBR N1    C2     sing N N 9   
CBR N1    "C1'"  sing N N 10  
CBR C6    C5     doub N N 11  
CBR C6    H6     sing N N 12  
CBR C2    O2     doub N N 13  
CBR C2    N3     sing N N 14  
CBR N3    C4     doub N N 15  
CBR C4    N4     sing N N 16  
CBR C4    C5     sing N N 17  
CBR N4    H41    sing N N 18  
CBR N4    H42    sing N N 19  
CBR "C2'" "C1'"  sing N N 20  
CBR "C2'" "C3'"  sing N N 21  
CBR "C2'" "H2'"  sing N N 22  
CBR "C2'" "H2''" sing N N 23  
CBR "C5'" "C4'"  sing N N 24  
CBR "C5'" "H5'"  sing N N 25  
CBR "C5'" "H5''" sing N N 26  
CBR "C4'" "O4'"  sing N N 27  
CBR "C4'" "C3'"  sing N N 28  
CBR "C4'" "H4'"  sing N N 29  
CBR "O4'" "C1'"  sing N N 30  
CBR "C1'" "H1'"  sing N N 31  
CBR "C3'" "O3'"  sing N N 32  
CBR "C3'" "H3'"  sing N N 33  
CBR "O3'" "HO3'" sing N N 34  
CBR OP3   HOP3   sing N N 35  
DC  OP3   P      sing N N 36  
DC  OP3   HOP3   sing N N 37  
DC  P     OP1    doub N N 38  
DC  P     OP2    sing N N 39  
DC  P     "O5'"  sing N N 40  
DC  OP2   HOP2   sing N N 41  
DC  "O5'" "C5'"  sing N N 42  
DC  "C5'" "C4'"  sing N N 43  
DC  "C5'" "H5'"  sing N N 44  
DC  "C5'" "H5''" sing N N 45  
DC  "C4'" "O4'"  sing N N 46  
DC  "C4'" "C3'"  sing N N 47  
DC  "C4'" "H4'"  sing N N 48  
DC  "O4'" "C1'"  sing N N 49  
DC  "C3'" "O3'"  sing N N 50  
DC  "C3'" "C2'"  sing N N 51  
DC  "C3'" "H3'"  sing N N 52  
DC  "O3'" "HO3'" sing N N 53  
DC  "C2'" "C1'"  sing N N 54  
DC  "C2'" "H2'"  sing N N 55  
DC  "C2'" "H2''" sing N N 56  
DC  "C1'" N1     sing N N 57  
DC  "C1'" "H1'"  sing N N 58  
DC  N1    C2     sing N N 59  
DC  N1    C6     sing N N 60  
DC  C2    O2     doub N N 61  
DC  C2    N3     sing N N 62  
DC  N3    C4     doub N N 63  
DC  C4    N4     sing N N 64  
DC  C4    C5     sing N N 65  
DC  N4    H41    sing N N 66  
DC  N4    H42    sing N N 67  
DC  C5    C6     doub N N 68  
DC  C5    H5     sing N N 69  
DC  C6    H6     sing N N 70  
DG  OP3   P      sing N N 71  
DG  OP3   HOP3   sing N N 72  
DG  P     OP1    doub N N 73  
DG  P     OP2    sing N N 74  
DG  P     "O5'"  sing N N 75  
DG  OP2   HOP2   sing N N 76  
DG  "O5'" "C5'"  sing N N 77  
DG  "C5'" "C4'"  sing N N 78  
DG  "C5'" "H5'"  sing N N 79  
DG  "C5'" "H5''" sing N N 80  
DG  "C4'" "O4'"  sing N N 81  
DG  "C4'" "C3'"  sing N N 82  
DG  "C4'" "H4'"  sing N N 83  
DG  "O4'" "C1'"  sing N N 84  
DG  "C3'" "O3'"  sing N N 85  
DG  "C3'" "C2'"  sing N N 86  
DG  "C3'" "H3'"  sing N N 87  
DG  "O3'" "HO3'" sing N N 88  
DG  "C2'" "C1'"  sing N N 89  
DG  "C2'" "H2'"  sing N N 90  
DG  "C2'" "H2''" sing N N 91  
DG  "C1'" N9     sing N N 92  
DG  "C1'" "H1'"  sing N N 93  
DG  N9    C8     sing Y N 94  
DG  N9    C4     sing Y N 95  
DG  C8    N7     doub Y N 96  
DG  C8    H8     sing N N 97  
DG  N7    C5     sing Y N 98  
DG  C5    C6     sing N N 99  
DG  C5    C4     doub Y N 100 
DG  C6    O6     doub N N 101 
DG  C6    N1     sing N N 102 
DG  N1    C2     sing N N 103 
DG  N1    H1     sing N N 104 
DG  C2    N2     sing N N 105 
DG  C2    N3     doub N N 106 
DG  N2    H21    sing N N 107 
DG  N2    H22    sing N N 108 
DG  N3    C4     sing N N 109 
HOH O     H1     sing N N 110 
HOH O     H2     sing N N 111 
SPE N1    C2     sing N N 112 
SPE N1    HN11   sing N N 113 
SPE N1    HN12   sing N N 114 
SPE C2    C3     sing N N 115 
SPE C2    H21    sing N N 116 
SPE C2    H22    sing N N 117 
SPE C3    C4     sing N N 118 
SPE C3    H31    sing N N 119 
SPE C3    H32    sing N N 120 
SPE C4    N5     sing N N 121 
SPE C4    H41    sing N N 122 
SPE C4    H42    sing N N 123 
SPE N5    C6     sing N N 124 
SPE N5    HN5    sing N N 125 
SPE C6    C7     sing N N 126 
SPE C6    H61    sing N N 127 
SPE C6    H62    sing N N 128 
SPE C7    C8     sing N N 129 
SPE C7    H71    sing N N 130 
SPE C7    H72    sing N N 131 
SPE C8    N9     sing N N 132 
SPE C8    H81    sing N N 133 
SPE C8    H82    sing N N 134 
SPE N9    C10    sing N N 135 
SPE N9    HN9    sing N N 136 
SPE C10   C11    sing N N 137 
SPE C10   H101   sing N N 138 
SPE C10   H102   sing N N 139 
SPE C11   C12    sing N N 140 
SPE C11   H111   sing N N 141 
SPE C11   H112   sing N N 142 
SPE C12   N13    sing N N 143 
SPE C12   H121   sing N N 144 
SPE C12   H122   sing N N 145 
SPE N13   HN31   sing N N 146 
SPE N13   HN32   sing N N 147 
# 
_ndb_struct_conf_na.entry_id   319D 
_ndb_struct_conf_na.feature    'a-form double helix' 
# 
loop_
_ndb_struct_na_base_pair.model_number 
_ndb_struct_na_base_pair.i_label_asym_id 
_ndb_struct_na_base_pair.i_label_comp_id 
_ndb_struct_na_base_pair.i_label_seq_id 
_ndb_struct_na_base_pair.i_symmetry 
_ndb_struct_na_base_pair.j_label_asym_id 
_ndb_struct_na_base_pair.j_label_comp_id 
_ndb_struct_na_base_pair.j_label_seq_id 
_ndb_struct_na_base_pair.j_symmetry 
_ndb_struct_na_base_pair.shear 
_ndb_struct_na_base_pair.stretch 
_ndb_struct_na_base_pair.stagger 
_ndb_struct_na_base_pair.buckle 
_ndb_struct_na_base_pair.propeller 
_ndb_struct_na_base_pair.opening 
_ndb_struct_na_base_pair.pair_number 
_ndb_struct_na_base_pair.pair_name 
_ndb_struct_na_base_pair.i_auth_asym_id 
_ndb_struct_na_base_pair.i_auth_seq_id 
_ndb_struct_na_base_pair.i_PDB_ins_code 
_ndb_struct_na_base_pair.j_auth_asym_id 
_ndb_struct_na_base_pair.j_auth_seq_id 
_ndb_struct_na_base_pair.j_PDB_ins_code 
_ndb_struct_na_base_pair.hbond_type_28 
_ndb_struct_na_base_pair.hbond_type_12 
1 A DC  1  1_555 B DG  10 1_555 0.429  -0.188 0.202  2.803   -4.395  -4.249 1  A_DC1:DG20_B  A 1  ? B 20 ? 19 1 
1 A DC  2  1_555 B DG  9  1_555 0.279  -0.188 -0.113 7.150   -10.221 -0.480 2  A_DC2:DG19_B  A 2  ? B 19 ? 19 1 
1 A DG  3  1_555 B DC  8  1_555 -0.445 -0.301 -0.050 -4.689  -12.127 -0.959 3  A_DG3:DC18_B  A 3  ? B 18 ? 19 1 
1 A DG  4  1_555 B DC  7  1_555 -0.249 -0.264 -0.033 -11.790 -9.487  -4.208 4  A_DG4:DC17_B  A 4  ? B 17 ? 19 1 
1 A DG  5  1_555 B CBR 6  1_555 -0.207 -0.233 -0.086 -8.078  -8.138  -0.164 5  A_DG5:CBR16_B A 5  ? B 16 ? 19 1 
1 A CBR 6  1_555 B DG  5  1_555 0.062  -0.210 -0.113 3.085   -8.233  -7.004 6  A_CBR6:DG15_B A 6  ? B 15 ? 19 1 
1 A DC  7  1_555 B DG  4  1_555 0.340  -0.083 -0.028 4.249   -7.616  -0.625 7  A_DC7:DG14_B  A 7  ? B 14 ? 19 1 
1 A DC  8  1_555 B DG  3  1_555 0.205  -0.167 -0.205 3.878   -4.555  -2.363 8  A_DC8:DG13_B  A 8  ? B 13 ? 19 1 
1 A DG  9  1_555 B DC  2  1_555 -0.206 -0.183 -0.245 -6.295  -6.927  -1.428 9  A_DG9:DC12_B  A 9  ? B 12 ? 19 1 
1 A DG  10 1_555 B DC  1  1_555 0.123  -0.100 0.094  0.756   -1.414  -3.760 10 A_DG10:DC11_B A 10 ? B 11 ? 19 1 
# 
loop_
_ndb_struct_na_base_pair_step.model_number 
_ndb_struct_na_base_pair_step.i_label_asym_id_1 
_ndb_struct_na_base_pair_step.i_label_comp_id_1 
_ndb_struct_na_base_pair_step.i_label_seq_id_1 
_ndb_struct_na_base_pair_step.i_symmetry_1 
_ndb_struct_na_base_pair_step.j_label_asym_id_1 
_ndb_struct_na_base_pair_step.j_label_comp_id_1 
_ndb_struct_na_base_pair_step.j_label_seq_id_1 
_ndb_struct_na_base_pair_step.j_symmetry_1 
_ndb_struct_na_base_pair_step.i_label_asym_id_2 
_ndb_struct_na_base_pair_step.i_label_comp_id_2 
_ndb_struct_na_base_pair_step.i_label_seq_id_2 
_ndb_struct_na_base_pair_step.i_symmetry_2 
_ndb_struct_na_base_pair_step.j_label_asym_id_2 
_ndb_struct_na_base_pair_step.j_label_comp_id_2 
_ndb_struct_na_base_pair_step.j_label_seq_id_2 
_ndb_struct_na_base_pair_step.j_symmetry_2 
_ndb_struct_na_base_pair_step.shift 
_ndb_struct_na_base_pair_step.slide 
_ndb_struct_na_base_pair_step.rise 
_ndb_struct_na_base_pair_step.tilt 
_ndb_struct_na_base_pair_step.roll 
_ndb_struct_na_base_pair_step.twist 
_ndb_struct_na_base_pair_step.x_displacement 
_ndb_struct_na_base_pair_step.y_displacement 
_ndb_struct_na_base_pair_step.helical_rise 
_ndb_struct_na_base_pair_step.inclination 
_ndb_struct_na_base_pair_step.tip 
_ndb_struct_na_base_pair_step.helical_twist 
_ndb_struct_na_base_pair_step.step_number 
_ndb_struct_na_base_pair_step.step_name 
_ndb_struct_na_base_pair_step.i_auth_asym_id_1 
_ndb_struct_na_base_pair_step.i_auth_seq_id_1 
_ndb_struct_na_base_pair_step.i_PDB_ins_code_1 
_ndb_struct_na_base_pair_step.j_auth_asym_id_1 
_ndb_struct_na_base_pair_step.j_auth_seq_id_1 
_ndb_struct_na_base_pair_step.j_PDB_ins_code_1 
_ndb_struct_na_base_pair_step.i_auth_asym_id_2 
_ndb_struct_na_base_pair_step.i_auth_seq_id_2 
_ndb_struct_na_base_pair_step.i_PDB_ins_code_2 
_ndb_struct_na_base_pair_step.j_auth_asym_id_2 
_ndb_struct_na_base_pair_step.j_auth_seq_id_2 
_ndb_struct_na_base_pair_step.j_PDB_ins_code_2 
1 A DC  1 1_555 B DG  10 1_555 A DC  2  1_555 B DG  9 1_555 0.514  -1.707 3.205 2.308  -1.003 33.873 -2.763 -0.514 3.280 -1.719 
-3.954 33.964 1 AA_DC1DC2:DG19DG20_BB   A 1 ? B 20 ? A 2  ? B 19 ? 
1 A DC  2 1_555 B DG  9  1_555 A DG  3  1_555 B DC  8 1_555 -0.169 -2.047 3.610 -1.916 8.110  27.017 -6.111 -0.106 2.889 16.858 
3.983  28.251 2 AA_DC2DG3:DC18DG19_BB   A 2 ? B 19 ? A 3  ? B 18 ? 
1 A DG  3 1_555 B DC  8  1_555 A DG  4  1_555 B DC  7 1_555 -1.294 -1.611 3.367 -5.489 7.330  35.197 -3.619 1.301  3.140 11.876 
8.893  36.332 3 AA_DG3DG4:DC17DC18_BB   A 3 ? B 18 ? A 4  ? B 17 ? 
1 A DG  4 1_555 B DC  7  1_555 A DG  5  1_555 B CBR 6 1_555 0.858  -1.888 3.171 3.210  12.825 24.726 -6.487 -1.127 2.052 27.574 
-6.901 27.989 4 AA_DG4DG5:CBR16DC17_BB  A 4 ? B 17 ? A 5  ? B 16 ? 
1 A DG  5 1_555 B CBR 6  1_555 A CBR 6  1_555 B DG  5 1_555 -0.862 -1.417 3.155 -1.119 6.653  35.071 -3.207 1.256  2.872 10.915 
1.836  35.694 5 AA_DG5CBR6:DG15CBR16_BB A 5 ? B 16 ? A 6  ? B 15 ? 
1 A CBR 6 1_555 B DG  5  1_555 A DC  7  1_555 B DG  4 1_555 1.544  -1.725 3.407 1.162  9.423  27.188 -5.513 -2.857 2.730 19.312 
-2.382 28.768 6 AA_CBR6DC7:DG14DG15_BB  A 6 ? B 15 ? A 7  ? B 14 ? 
1 A DC  7 1_555 B DG  4  1_555 A DC  8  1_555 B DG  3 1_555 -0.250 -2.002 3.340 0.297  4.930  27.798 -5.216 0.579  2.945 10.160 
-0.613 28.225 7 AA_DC7DC8:DG13DG14_BB   A 7 ? B 14 ? A 8  ? B 13 ? 
1 A DC  8 1_555 B DG  3  1_555 A DG  9  1_555 B DC  2 1_555 -0.205 -2.216 3.708 1.252  5.669  27.389 -6.013 0.739  3.181 11.804 
-2.607 27.986 8 AA_DC8DG9:DC12DG13_BB   A 8 ? B 13 ? A 9  ? B 12 ? 
1 A DG  9 1_555 B DC  2  1_555 A DG  10 1_555 B DC  1 1_555 0.127  -2.005 3.243 1.258  0.459  32.386 -3.671 -0.009 3.218 0.823  
-2.255 32.413 9 AA_DG9DG10:DC11DC12_BB  A 9 ? B 12 ? A 10 ? B 11 ? 
# 
_atom_sites.entry_id                    319D 
_atom_sites.fract_transf_matrix[1][1]   -0.03928202 
_atom_sites.fract_transf_matrix[1][2]   0.00677716 
_atom_sites.fract_transf_matrix[1][3]   -0.00980702 
_atom_sites.fract_transf_matrix[2][1]   -0.00425937 
_atom_sites.fract_transf_matrix[2][2]   0.00614155 
_atom_sites.fract_transf_matrix[2][3]   0.02130505 
_atom_sites.fract_transf_matrix[3][1]   0.00459461 
_atom_sites.fract_transf_matrix[3][2]   0.01973031 
_atom_sites.fract_transf_matrix[3][3]   -0.00476903 
_atom_sites.fract_transf_vector[1]      0.122297 
_atom_sites.fract_transf_vector[2]      -0.030212 
_atom_sites.fract_transf_vector[3]      0.228881 
# 
loop_
_atom_type.symbol 
BR 
C  
N  
O  
P  
# 
loop_
_atom_site.group_PDB 
_atom_site.id 
_atom_site.type_symbol 
_atom_site.label_atom_id 
_atom_site.label_alt_id 
_atom_site.label_comp_id 
_atom_site.label_asym_id 
_atom_site.label_entity_id 
_atom_site.label_seq_id 
_atom_site.pdbx_PDB_ins_code 
_atom_site.Cartn_x 
_atom_site.Cartn_y 
_atom_site.Cartn_z 
_atom_site.occupancy 
_atom_site.B_iso_or_equiv 
_atom_site.pdbx_formal_charge 
_atom_site.auth_seq_id 
_atom_site.auth_comp_id 
_atom_site.auth_asym_id 
_atom_site.auth_atom_id 
_atom_site.pdbx_PDB_model_num 
ATOM   1   O  "O5'" . DC  A 1 1  ? 4.281   -3.526  11.122  1.00 42.18 ? 1   DC  A "O5'" 1 
ATOM   2   C  "C5'" . DC  A 1 1  ? 3.487   -3.772  12.290  1.00 39.01 ? 1   DC  A "C5'" 1 
ATOM   3   C  "C4'" . DC  A 1 1  ? 3.157   -2.480  13.036  1.00 38.12 ? 1   DC  A "C4'" 1 
ATOM   4   O  "O4'" . DC  A 1 1  ? 4.388   -1.801  13.345  1.00 38.62 ? 1   DC  A "O4'" 1 
ATOM   5   C  "C3'" . DC  A 1 1  ? 2.386   -1.484  12.200  1.00 39.34 ? 1   DC  A "C3'" 1 
ATOM   6   O  "O3'" . DC  A 1 1  ? 0.995   -1.784  12.347  1.00 39.72 ? 1   DC  A "O3'" 1 
ATOM   7   C  "C2'" . DC  A 1 1  ? 2.671   -0.222  12.984  1.00 35.41 ? 1   DC  A "C2'" 1 
ATOM   8   C  "C1'" . DC  A 1 1  ? 4.185   -0.373  13.210  1.00 36.37 ? 1   DC  A "C1'" 1 
ATOM   9   N  N1    . DC  A 1 1  ? 5.100   0.238   12.170  1.00 33.24 ? 1   DC  A N1    1 
ATOM   10  C  C2    . DC  A 1 1  ? 5.119   1.629   11.955  1.00 30.34 ? 1   DC  A C2    1 
ATOM   11  O  O2    . DC  A 1 1  ? 4.417   2.414   12.585  1.00 32.31 ? 1   DC  A O2    1 
ATOM   12  N  N3    . DC  A 1 1  ? 5.998   2.117   11.041  1.00 29.08 ? 1   DC  A N3    1 
ATOM   13  C  C4    . DC  A 1 1  ? 6.833   1.321   10.360  1.00 30.86 ? 1   DC  A C4    1 
ATOM   14  N  N4    . DC  A 1 1  ? 7.702   1.835   9.498   1.00 32.24 ? 1   DC  A N4    1 
ATOM   15  C  C5    . DC  A 1 1  ? 6.829   -0.090  10.564  1.00 30.20 ? 1   DC  A C5    1 
ATOM   16  C  C6    . DC  A 1 1  ? 5.954   -0.573  11.467  1.00 34.06 ? 1   DC  A C6    1 
ATOM   17  P  P     . DC  A 1 2  ? 0.061   -1.577  11.053  1.00 39.66 ? 2   DC  A P     1 
ATOM   18  O  OP1   . DC  A 1 2  ? -1.302  -2.078  11.348  1.00 43.70 ? 2   DC  A OP1   1 
ATOM   19  O  OP2   . DC  A 1 2  ? 0.811   -2.087  9.885   1.00 37.16 ? 2   DC  A OP2   1 
ATOM   20  O  "O5'" . DC  A 1 2  ? -0.049  0.020   10.912  1.00 40.09 ? 2   DC  A "O5'" 1 
ATOM   21  C  "C5'" . DC  A 1 2  ? -0.836  0.797   11.815  1.00 35.88 ? 2   DC  A "C5'" 1 
ATOM   22  C  "C4'" . DC  A 1 2  ? -0.516  2.270   11.640  1.00 35.56 ? 2   DC  A "C4'" 1 
ATOM   23  O  "O4'" . DC  A 1 2  ? 0.890   2.467   11.820  1.00 32.71 ? 2   DC  A "O4'" 1 
ATOM   24  C  "C3'" . DC  A 1 2  ? -0.849  2.883   10.290  1.00 34.01 ? 2   DC  A "C3'" 1 
ATOM   25  O  "O3'" . DC  A 1 2  ? -2.187  3.331   10.355  1.00 38.59 ? 2   DC  A "O3'" 1 
ATOM   26  C  "C2'" . DC  A 1 2  ? -0.032  4.114   10.403  1.00 33.41 ? 2   DC  A "C2'" 1 
ATOM   27  C  "C1'" . DC  A 1 2  ? 1.266   3.519   10.933  1.00 33.71 ? 2   DC  A "C1'" 1 
ATOM   28  N  N1    . DC  A 1 2  ? 2.210   3.087   9.863   1.00 32.03 ? 2   DC  A N1    1 
ATOM   29  C  C2    . DC  A 1 2  ? 2.905   4.112   9.243   1.00 33.85 ? 2   DC  A C2    1 
ATOM   30  O  O2    . DC  A 1 2  ? 2.667   5.301   9.474   1.00 30.50 ? 2   DC  A O2    1 
ATOM   31  N  N3    . DC  A 1 2  ? 3.866   3.792   8.365   1.00 30.11 ? 2   DC  A N3    1 
ATOM   32  C  C4    . DC  A 1 2  ? 4.161   2.523   8.091   1.00 29.17 ? 2   DC  A C4    1 
ATOM   33  N  N4    . DC  A 1 2  ? 5.206   2.284   7.317   1.00 22.82 ? 2   DC  A N4    1 
ATOM   34  C  C5    . DC  A 1 2  ? 3.452   1.427   8.695   1.00 30.97 ? 2   DC  A C5    1 
ATOM   35  C  C6    . DC  A 1 2  ? 2.487   1.765   9.569   1.00 29.73 ? 2   DC  A C6    1 
ATOM   36  P  P     . DG  A 1 3  ? -3.152  3.281   9.079   1.00 39.62 ? 3   DG  A P     1 
ATOM   37  O  OP1   . DG  A 1 3  ? -4.502  3.644   9.578   1.00 39.48 ? 3   DG  A OP1   1 
ATOM   38  O  OP2   . DG  A 1 3  ? -2.915  1.997   8.397   1.00 41.78 ? 3   DG  A OP2   1 
ATOM   39  O  "O5'" . DG  A 1 3  ? -2.641  4.452   8.103   1.00 38.39 ? 3   DG  A "O5'" 1 
ATOM   40  C  "C5'" . DG  A 1 3  ? -3.039  5.798   8.359   1.00 35.56 ? 3   DG  A "C5'" 1 
ATOM   41  C  "C4'" . DG  A 1 3  ? -2.168  6.845   7.682   1.00 32.17 ? 3   DG  A "C4'" 1 
ATOM   42  O  "O4'" . DG  A 1 3  ? -0.818  6.469   7.914   1.00 31.11 ? 3   DG  A "O4'" 1 
ATOM   43  C  "C3'" . DG  A 1 3  ? -2.264  6.978   6.190   1.00 31.72 ? 3   DG  A "C3'" 1 
ATOM   44  O  "O3'" . DG  A 1 3  ? -3.375  7.850   5.935   1.00 31.64 ? 3   DG  A "O3'" 1 
ATOM   45  C  "C2'" . DG  A 1 3  ? -1.009  7.789   5.965   1.00 30.55 ? 3   DG  A "C2'" 1 
ATOM   46  C  "C1'" . DG  A 1 3  ? -0.027  7.050   6.877   1.00 29.36 ? 3   DG  A "C1'" 1 
ATOM   47  N  N9    . DG  A 1 3  ? 0.759   6.004   6.206   1.00 29.82 ? 3   DG  A N9    1 
ATOM   48  C  C8    . DG  A 1 3  ? 0.788   4.643   6.416   1.00 27.16 ? 3   DG  A C8    1 
ATOM   49  N  N7    . DG  A 1 3  ? 1.689   4.035   5.695   1.00 27.37 ? 3   DG  A N7    1 
ATOM   50  C  C5    . DG  A 1 3  ? 2.294   5.054   4.955   1.00 29.95 ? 3   DG  A C5    1 
ATOM   51  C  C6    . DG  A 1 3  ? 3.330   5.026   3.980   1.00 28.79 ? 3   DG  A C6    1 
ATOM   52  O  O6    . DG  A 1 3  ? 4.023   4.079   3.609   1.00 29.48 ? 3   DG  A O6    1 
ATOM   53  N  N1    . DG  A 1 3  ? 3.591   6.286   3.461   1.00 25.51 ? 3   DG  A N1    1 
ATOM   54  C  C2    . DG  A 1 3  ? 2.943   7.447   3.839   1.00 26.58 ? 3   DG  A C2    1 
ATOM   55  N  N2    . DG  A 1 3  ? 3.275   8.578   3.210   1.00 24.59 ? 3   DG  A N2    1 
ATOM   56  N  N3    . DG  A 1 3  ? 1.987   7.474   4.756   1.00 27.39 ? 3   DG  A N3    1 
ATOM   57  C  C4    . DG  A 1 3  ? 1.719   6.252   5.264   1.00 28.33 ? 3   DG  A C4    1 
ATOM   58  P  P     . DG  A 1 4  ? -3.932  7.996   4.443   1.00 32.02 ? 4   DG  A P     1 
ATOM   59  O  OP1   . DG  A 1 4  ? -5.222  8.714   4.475   1.00 34.04 ? 4   DG  A OP1   1 
ATOM   60  O  OP2   . DG  A 1 4  ? -3.853  6.667   3.811   1.00 34.50 ? 4   DG  A OP2   1 
ATOM   61  O  "O5'" . DG  A 1 4  ? -2.855  8.944   3.738   1.00 32.41 ? 4   DG  A "O5'" 1 
ATOM   62  C  "C5'" . DG  A 1 4  ? -2.920  10.373  3.700   1.00 29.39 ? 4   DG  A "C5'" 1 
ATOM   63  C  "C4'" . DG  A 1 4  ? -2.018  10.840  2.593   1.00 30.14 ? 4   DG  A "C4'" 1 
ATOM   64  O  "O4'" . DG  A 1 4  ? -0.697  10.340  2.859   1.00 31.28 ? 4   DG  A "O4'" 1 
ATOM   65  C  "C3'" . DG  A 1 4  ? -2.394  10.185  1.279   1.00 32.09 ? 4   DG  A "C3'" 1 
ATOM   66  O  "O3'" . DG  A 1 4  ? -3.450  10.949  0.719   1.00 35.42 ? 4   DG  A "O3'" 1 
ATOM   67  C  "C2'" . DG  A 1 4  ? -1.127  10.476  0.528   1.00 30.78 ? 4   DG  A "C2'" 1 
ATOM   68  C  "C1'" . DG  A 1 4  ? -0.110  10.004  1.582   1.00 30.42 ? 4   DG  A "C1'" 1 
ATOM   69  N  N9    . DG  A 1 4  ? 0.217   8.559   1.533   1.00 30.50 ? 4   DG  A N9    1 
ATOM   70  C  C8    . DG  A 1 4  ? -0.174  7.525   2.358   1.00 28.92 ? 4   DG  A C8    1 
ATOM   71  N  N7    . DG  A 1 4  ? 0.403   6.391   2.102   1.00 29.72 ? 4   DG  A N7    1 
ATOM   72  C  C5    . DG  A 1 4  ? 1.240   6.688   1.029   1.00 28.33 ? 4   DG  A C5    1 
ATOM   73  C  C6    . DG  A 1 4  ? 2.120   5.854   0.300   1.00 27.98 ? 4   DG  A C6    1 
ATOM   74  O  O6    . DG  A 1 4  ? 2.332   4.653   0.439   1.00 31.26 ? 4   DG  A O6    1 
ATOM   75  N  N1    . DG  A 1 4  ? 2.761   6.533   -0.722  1.00 25.18 ? 4   DG  A N1    1 
ATOM   76  C  C2    . DG  A 1 4  ? 2.588   7.866   -1.014  1.00 26.12 ? 4   DG  A C2    1 
ATOM   77  N  N2    . DG  A 1 4  ? 3.312   8.353   -2.033  1.00 24.57 ? 4   DG  A N2    1 
ATOM   78  N  N3    . DG  A 1 4  ? 1.760   8.661   -0.325  1.00 26.59 ? 4   DG  A N3    1 
ATOM   79  C  C4    . DG  A 1 4  ? 1.125   8.005   0.675   1.00 27.75 ? 4   DG  A C4    1 
ATOM   80  P  P     . DG  A 1 5  ? -4.510  10.249  -0.268  1.00 34.01 ? 5   DG  A P     1 
ATOM   81  O  OP1   . DG  A 1 5  ? -5.556  11.239  -0.584  1.00 37.71 ? 5   DG  A OP1   1 
ATOM   82  O  OP2   . DG  A 1 5  ? -4.888  8.927   0.275   1.00 38.93 ? 5   DG  A OP2   1 
ATOM   83  O  "O5'" . DG  A 1 5  ? -3.623  10.040  -1.580  1.00 35.32 ? 5   DG  A "O5'" 1 
ATOM   84  C  "C5'" . DG  A 1 5  ? -3.782  8.947   -2.467  1.00 28.29 ? 5   DG  A "C5'" 1 
ATOM   85  C  "C4'" . DG  A 1 5  ? -2.583  8.900   -3.374  1.00 28.32 ? 5   DG  A "C4'" 1 
ATOM   86  O  "O4'" . DG  A 1 5  ? -1.414  8.657   -2.588  1.00 26.49 ? 5   DG  A "O4'" 1 
ATOM   87  C  "C3'" . DG  A 1 5  ? -2.653  7.765   -4.363  1.00 28.66 ? 5   DG  A "C3'" 1 
ATOM   88  O  "O3'" . DG  A 1 5  ? -3.350  8.276   -5.509  1.00 32.50 ? 5   DG  A "O3'" 1 
ATOM   89  C  "C2'" . DG  A 1 5  ? -1.187  7.667   -4.715  1.00 27.99 ? 5   DG  A "C2'" 1 
ATOM   90  C  "C1'" . DG  A 1 5  ? -0.569  7.763   -3.313  1.00 28.74 ? 5   DG  A "C1'" 1 
ATOM   91  N  N9    . DG  A 1 5  ? -0.423  6.460   -2.618  1.00 26.72 ? 5   DG  A N9    1 
ATOM   92  C  C8    . DG  A 1 5  ? -1.028  5.996   -1.476  1.00 27.65 ? 5   DG  A C8    1 
ATOM   93  N  N7    . DG  A 1 5  ? -0.611  4.820   -1.095  1.00 21.71 ? 5   DG  A N7    1 
ATOM   94  C  C5    . DG  A 1 5  ? 0.336   4.479   -2.057  1.00 22.86 ? 5   DG  A C5    1 
ATOM   95  C  C6    . DG  A 1 5  ? 1.177   3.345   -2.131  1.00 21.47 ? 5   DG  A C6    1 
ATOM   96  O  O6    . DG  A 1 5  ? 1.276   2.412   -1.338  1.00 25.98 ? 5   DG  A O6    1 
ATOM   97  N  N1    . DG  A 1 5  ? 2.027   3.401   -3.215  1.00 22.58 ? 5   DG  A N1    1 
ATOM   98  C  C2    . DG  A 1 5  ? 2.082   4.436   -4.116  1.00 23.80 ? 5   DG  A C2    1 
ATOM   99  N  N2    . DG  A 1 5  ? 2.964   4.299   -5.103  1.00 25.25 ? 5   DG  A N2    1 
ATOM   100 N  N3    . DG  A 1 5  ? 1.299   5.516   -4.047  1.00 22.56 ? 5   DG  A N3    1 
ATOM   101 C  C4    . DG  A 1 5  ? 0.450   5.462   -2.990  1.00 22.55 ? 5   DG  A C4    1 
HETATM 102 BR BR    . CBR A 1 6  ? -2.917  3.768   -3.835  1.00 46.40 ? 6   CBR A BR    1 
HETATM 103 P  P     . CBR A 1 6  ? -4.325  7.343   -6.380  1.00 30.60 ? 6   CBR A P     1 
HETATM 104 O  OP1   . CBR A 1 6  ? -5.037  8.198   -7.362  1.00 33.19 ? 6   CBR A OP1   1 
HETATM 105 O  OP2   . CBR A 1 6  ? -5.118  6.480   -5.492  1.00 31.40 ? 6   CBR A OP2   1 
HETATM 106 O  "O5'" . CBR A 1 6  ? -3.259  6.455   -7.188  1.00 33.32 ? 6   CBR A "O5'" 1 
HETATM 107 N  N1    . CBR A 1 6  ? -0.483  3.698   -7.126  1.00 30.25 ? 6   CBR A N1    1 
HETATM 108 C  C6    . CBR A 1 6  ? -1.427  4.017   -6.177  1.00 30.22 ? 6   CBR A C6    1 
HETATM 109 C  C2    . CBR A 1 6  ? 0.335   2.586   -6.955  1.00 25.57 ? 6   CBR A C2    1 
HETATM 110 O  O2    . CBR A 1 6  ? 1.157   2.253   -7.818  1.00 21.82 ? 6   CBR A O2    1 
HETATM 111 N  N3    . CBR A 1 6  ? 0.169   1.854   -5.817  1.00 22.01 ? 6   CBR A N3    1 
HETATM 112 C  C4    . CBR A 1 6  ? -0.742  2.171   -4.898  1.00 23.82 ? 6   CBR A C4    1 
HETATM 113 N  N4    . CBR A 1 6  ? -0.858  1.460   -3.795  1.00 16.40 ? 6   CBR A N4    1 
HETATM 114 C  C5    . CBR A 1 6  ? -1.596  3.296   -5.066  1.00 27.39 ? 6   CBR A C5    1 
HETATM 115 C  "C2'" . CBR A 1 6  ? -0.867  4.154   -9.630  1.00 33.66 ? 6   CBR A "C2'" 1 
HETATM 116 C  "C5'" . CBR A 1 6  ? -2.640  7.099   -8.310  1.00 29.13 ? 6   CBR A "C5'" 1 
HETATM 117 C  "C4'" . CBR A 1 6  ? -1.656  6.220   -9.035  1.00 33.66 ? 6   CBR A "C4'" 1 
HETATM 118 O  "O4'" . CBR A 1 6  ? -0.616  5.922   -8.090  1.00 32.57 ? 6   CBR A "O4'" 1 
HETATM 119 C  "C1'" . CBR A 1 6  ? -0.198  4.568   -8.313  1.00 32.56 ? 6   CBR A "C1'" 1 
HETATM 120 C  "C3'" . CBR A 1 6  ? -2.195  4.849   -9.439  1.00 33.16 ? 6   CBR A "C3'" 1 
HETATM 121 O  "O3'" . CBR A 1 6  ? -2.857  4.941   -10.709 1.00 36.59 ? 6   CBR A "O3'" 1 
ATOM   122 P  P     . DC  A 1 7  ? -4.266  4.154   -10.891 1.00 37.69 ? 7   DC  A P     1 
ATOM   123 O  OP1   . DC  A 1 7  ? -4.803  4.411   -12.238 1.00 39.34 ? 7   DC  A OP1   1 
ATOM   124 O  OP2   . DC  A 1 7  ? -5.116  4.420   -9.709  1.00 38.90 ? 7   DC  A OP2   1 
ATOM   125 O  "O5'" . DC  A 1 7  ? -3.840  2.605   -10.805 1.00 37.81 ? 7   DC  A "O5'" 1 
ATOM   126 C  "C5'" . DC  A 1 7  ? -3.088  1.932   -11.813 1.00 32.71 ? 7   DC  A "C5'" 1 
ATOM   127 C  "C4'" . DC  A 1 7  ? -2.452  0.684   -11.221 1.00 33.06 ? 7   DC  A "C4'" 1 
ATOM   128 O  "O4'" . DC  A 1 7  ? -1.825  0.977   -9.973  1.00 34.35 ? 7   DC  A "O4'" 1 
ATOM   129 C  "C3'" . DC  A 1 7  ? -3.402  -0.394  -10.863 1.00 31.40 ? 7   DC  A "C3'" 1 
ATOM   130 O  "O3'" . DC  A 1 7  ? -3.876  -0.916  -12.099 1.00 32.48 ? 7   DC  A "O3'" 1 
ATOM   131 C  "C2'" . DC  A 1 7  ? -2.380  -1.314  -10.232 1.00 29.50 ? 7   DC  A "C2'" 1 
ATOM   132 C  "C1'" . DC  A 1 7  ? -1.689  -0.284  -9.299  1.00 29.42 ? 7   DC  A "C1'" 1 
ATOM   133 N  N1    . DC  A 1 7  ? -2.214  -0.280  -7.891  1.00 25.06 ? 7   DC  A N1    1 
ATOM   134 C  C2    . DC  A 1 7  ? -1.741  -1.299  -7.085  1.00 23.88 ? 7   DC  A C2    1 
ATOM   135 O  O2    . DC  A 1 7  ? -0.931  -2.113  -7.507  1.00 22.33 ? 7   DC  A O2    1 
ATOM   136 N  N3    . DC  A 1 7  ? -2.189  -1.371  -5.803  1.00 22.37 ? 7   DC  A N3    1 
ATOM   137 C  C4    . DC  A 1 7  ? -3.058  -0.496  -5.311  1.00 25.40 ? 7   DC  A C4    1 
ATOM   138 N  N4    . DC  A 1 7  ? -3.436  -0.658  -4.045  1.00 20.77 ? 7   DC  A N4    1 
ATOM   139 C  C5    . DC  A 1 7  ? -3.562  0.574   -6.116  1.00 23.38 ? 7   DC  A C5    1 
ATOM   140 C  C6    . DC  A 1 7  ? -3.116  0.644   -7.394  1.00 26.64 ? 7   DC  A C6    1 
ATOM   141 P  P     . DC  A 1 8  ? -5.134  -1.900  -12.209 1.00 34.38 ? 8   DC  A P     1 
ATOM   142 O  OP1   . DC  A 1 8  ? -5.590  -1.916  -13.619 1.00 36.32 ? 8   DC  A OP1   1 
ATOM   143 O  OP2   . DC  A 1 8  ? -6.096  -1.664  -11.126 1.00 35.63 ? 8   DC  A OP2   1 
ATOM   144 O  "O5'" . DC  A 1 8  ? -4.307  -3.216  -11.984 1.00 29.62 ? 8   DC  A "O5'" 1 
ATOM   145 C  "C5'" . DC  A 1 8  ? -4.859  -4.393  -11.527 1.00 28.33 ? 8   DC  A "C5'" 1 
ATOM   146 C  "C4'" . DC  A 1 8  ? -3.754  -5.327  -11.200 1.00 26.85 ? 8   DC  A "C4'" 1 
ATOM   147 O  "O4'" . DC  A 1 8  ? -2.804  -4.773  -10.258 1.00 26.94 ? 8   DC  A "O4'" 1 
ATOM   148 C  "C3'" . DC  A 1 8  ? -4.521  -6.363  -10.454 1.00 28.52 ? 8   DC  A "C3'" 1 
ATOM   149 O  "O3'" . DC  A 1 8  ? -4.946  -7.297  -11.447 1.00 28.06 ? 8   DC  A "O3'" 1 
ATOM   150 C  "C2'" . DC  A 1 8  ? -3.433  -6.940  -9.604  1.00 29.24 ? 8   DC  A "C2'" 1 
ATOM   151 C  "C1'" . DC  A 1 8  ? -2.806  -5.614  -9.091  1.00 28.50 ? 8   DC  A "C1'" 1 
ATOM   152 N  N1    . DC  A 1 8  ? -3.460  -4.991  -7.902  1.00 29.56 ? 8   DC  A N1    1 
ATOM   153 C  C2    . DC  A 1 8  ? -3.336  -5.666  -6.685  1.00 31.41 ? 8   DC  A C2    1 
ATOM   154 O  O2    . DC  A 1 8  ? -2.655  -6.679  -6.567  1.00 25.78 ? 8   DC  A O2    1 
ATOM   155 N  N3    . DC  A 1 8  ? -3.943  -5.141  -5.603  1.00 29.52 ? 8   DC  A N3    1 
ATOM   156 C  C4    . DC  A 1 8  ? -4.633  -4.007  -5.664  1.00 26.02 ? 8   DC  A C4    1 
ATOM   157 N  N4    . DC  A 1 8  ? -5.182  -3.529  -4.560  1.00 20.69 ? 8   DC  A N4    1 
ATOM   158 C  C5    . DC  A 1 8  ? -4.775  -3.279  -6.881  1.00 27.22 ? 8   DC  A C5    1 
ATOM   159 C  C6    . DC  A 1 8  ? -4.173  -3.813  -7.967  1.00 25.90 ? 8   DC  A C6    1 
ATOM   160 P  P     . DG  A 1 9  ? -6.391  -8.038  -11.332 1.00 26.13 ? 9   DG  A P     1 
ATOM   161 O  OP1   . DG  A 1 9  ? -6.662  -8.746  -12.609 1.00 30.49 ? 9   DG  A OP1   1 
ATOM   162 O  OP2   . DG  A 1 9  ? -7.404  -7.130  -10.767 1.00 28.65 ? 9   DG  A OP2   1 
ATOM   163 O  "O5'" . DG  A 1 9  ? -6.073  -9.126  -10.217 1.00 27.79 ? 9   DG  A "O5'" 1 
ATOM   164 C  "C5'" . DG  A 1 9  ? -5.214  -10.237 -10.416 1.00 27.45 ? 9   DG  A "C5'" 1 
ATOM   165 C  "C4'" . DG  A 1 9  ? -5.032  -10.897 -9.059  1.00 31.46 ? 9   DG  A "C4'" 1 
ATOM   166 O  "O4'" . DG  A 1 9  ? -4.429  -9.957  -8.154  1.00 33.23 ? 9   DG  A "O4'" 1 
ATOM   167 C  "C3'" . DG  A 1 9  ? -6.323  -11.252 -8.358  1.00 31.22 ? 9   DG  A "C3'" 1 
ATOM   168 O  "O3'" . DG  A 1 9  ? -6.798  -12.448 -8.930  1.00 28.23 ? 9   DG  A "O3'" 1 
ATOM   169 C  "C2'" . DG  A 1 9  ? -5.725  -11.566 -7.022  1.00 30.18 ? 9   DG  A "C2'" 1 
ATOM   170 C  "C1'" . DG  A 1 9  ? -4.890  -10.311 -6.832  1.00 30.68 ? 9   DG  A "C1'" 1 
ATOM   171 N  N9    . DG  A 1 9  ? -5.714  -9.257  -6.190  1.00 26.30 ? 9   DG  A N9    1 
ATOM   172 C  C8    . DG  A 1 9  ? -6.190  -8.078  -6.732  1.00 26.85 ? 9   DG  A C8    1 
ATOM   173 N  N7    . DG  A 1 9  ? -6.814  -7.335  -5.878  1.00 29.49 ? 9   DG  A N7    1 
ATOM   174 C  C5    . DG  A 1 9  ? -6.760  -8.057  -4.694  1.00 28.95 ? 9   DG  A C5    1 
ATOM   175 C  C6    . DG  A 1 9  ? -7.286  -7.718  -3.423  1.00 30.73 ? 9   DG  A C6    1 
ATOM   176 O  O6    . DG  A 1 9  ? -7.841  -6.669  -3.108  1.00 30.89 ? 9   DG  A O6    1 
ATOM   177 N  N1    . DG  A 1 9  ? -7.049  -8.712  -2.479  1.00 27.05 ? 9   DG  A N1    1 
ATOM   178 C  C2    . DG  A 1 9  ? -6.374  -9.892  -2.738  1.00 28.53 ? 9   DG  A C2    1 
ATOM   179 N  N2    . DG  A 1 9  ? -6.301  -10.769 -1.736  1.00 22.78 ? 9   DG  A N2    1 
ATOM   180 N  N3    . DG  A 1 9  ? -5.867  -10.201 -3.937  1.00 28.65 ? 9   DG  A N3    1 
ATOM   181 C  C4    . DG  A 1 9  ? -6.104  -9.237  -4.865  1.00 28.96 ? 9   DG  A C4    1 
ATOM   182 P  P     . DG  A 1 10 ? -8.330  -12.894 -8.869  1.00 28.29 ? 10  DG  A P     1 
ATOM   183 O  OP1   . DG  A 1 10 ? -8.451  -14.073 -9.747  1.00 29.94 ? 10  DG  A OP1   1 
ATOM   184 O  OP2   . DG  A 1 10 ? -9.208  -11.719 -9.068  1.00 22.26 ? 10  DG  A OP2   1 
ATOM   185 O  "O5'" . DG  A 1 10 ? -8.526  -13.334 -7.336  1.00 28.73 ? 10  DG  A "O5'" 1 
ATOM   186 C  "C5'" . DG  A 1 10 ? -7.971  -14.521 -6.761  1.00 28.05 ? 10  DG  A "C5'" 1 
ATOM   187 C  "C4'" . DG  A 1 10 ? -8.442  -14.654 -5.337  1.00 29.94 ? 10  DG  A "C4'" 1 
ATOM   188 O  "O4'" . DG  A 1 10 ? -7.963  -13.524 -4.625  1.00 29.84 ? 10  DG  A "O4'" 1 
ATOM   189 C  "C3'" . DG  A 1 10 ? -9.951  -14.610 -5.171  1.00 30.70 ? 10  DG  A "C3'" 1 
ATOM   190 O  "O3'" . DG  A 1 10 ? -10.475 -15.895 -5.471  1.00 28.74 ? 10  DG  A "O3'" 1 
ATOM   191 C  "C2'" . DG  A 1 10 ? -10.018 -14.294 -3.693  1.00 30.26 ? 10  DG  A "C2'" 1 
ATOM   192 C  "C1'" . DG  A 1 10 ? -8.905  -13.228 -3.584  1.00 28.34 ? 10  DG  A "C1'" 1 
ATOM   193 N  N9    . DG  A 1 10 ? -9.417  -11.851 -3.718  1.00 24.62 ? 10  DG  A N9    1 
ATOM   194 C  C8    . DG  A 1 10 ? -9.548  -11.037 -4.825  1.00 24.11 ? 10  DG  A C8    1 
ATOM   195 N  N7    . DG  A 1 10 ? -10.076 -9.883  -4.561  1.00 23.92 ? 10  DG  A N7    1 
ATOM   196 C  C5    . DG  A 1 10 ? -10.302 -9.928  -3.196  1.00 24.68 ? 10  DG  A C5    1 
ATOM   197 C  C6    . DG  A 1 10 ? -10.880 -8.956  -2.355  1.00 26.37 ? 10  DG  A C6    1 
ATOM   198 O  O6    . DG  A 1 10 ? -11.408 -7.907  -2.683  1.00 26.89 ? 10  DG  A O6    1 
ATOM   199 N  N1    . DG  A 1 10 ? -10.937 -9.394  -1.029  1.00 25.31 ? 10  DG  A N1    1 
ATOM   200 C  C2    . DG  A 1 10 ? -10.499 -10.626 -0.580  1.00 22.07 ? 10  DG  A C2    1 
ATOM   201 N  N2    . DG  A 1 10 ? -10.643 -10.853 0.719   1.00 18.36 ? 10  DG  A N2    1 
ATOM   202 N  N3    . DG  A 1 10 ? -9.961  -11.547 -1.382  1.00 20.80 ? 10  DG  A N3    1 
ATOM   203 C  C4    . DG  A 1 10 ? -9.895  -11.130 -2.668  1.00 24.09 ? 10  DG  A C4    1 
ATOM   204 O  "O5'" . DC  B 1 1  ? -12.661 -3.800  5.561   1.00 46.00 ? 11  DC  B "O5'" 1 
ATOM   205 C  "C5'" . DC  B 1 1  ? -13.023 -4.585  6.710   1.00 39.18 ? 11  DC  B "C5'" 1 
ATOM   206 C  "C4'" . DC  B 1 1  ? -12.831 -6.085  6.513   1.00 38.28 ? 11  DC  B "C4'" 1 
ATOM   207 O  "O4'" . DC  B 1 1  ? -13.669 -6.549  5.443   1.00 36.68 ? 11  DC  B "O4'" 1 
ATOM   208 C  "C3'" . DC  B 1 1  ? -11.439 -6.415  6.051   1.00 37.23 ? 11  DC  B "C3'" 1 
ATOM   209 O  "O3'" . DC  B 1 1  ? -10.607 -6.536  7.198   1.00 39.29 ? 11  DC  B "O3'" 1 
ATOM   210 C  "C2'" . DC  B 1 1  ? -11.686 -7.785  5.513   1.00 34.74 ? 11  DC  B "C2'" 1 
ATOM   211 C  "C1'" . DC  B 1 1  ? -12.912 -7.512  4.688   1.00 35.03 ? 11  DC  B "C1'" 1 
ATOM   212 N  N1    . DC  B 1 1  ? -12.690 -7.086  3.265   1.00 34.18 ? 11  DC  B N1    1 
ATOM   213 C  C2    . DC  B 1 1  ? -12.125 -7.992  2.365   1.00 33.30 ? 11  DC  B C2    1 
ATOM   214 O  O2    . DC  B 1 1  ? -11.748 -9.119  2.699   1.00 34.45 ? 11  DC  B O2    1 
ATOM   215 N  N3    . DC  B 1 1  ? -12.007 -7.618  1.071   1.00 33.93 ? 11  DC  B N3    1 
ATOM   216 C  C4    . DC  B 1 1  ? -12.405 -6.421  0.645   1.00 33.63 ? 11  DC  B C4    1 
ATOM   217 N  N4    . DC  B 1 1  ? -12.258 -6.111  -0.639  1.00 37.54 ? 11  DC  B N4    1 
ATOM   218 C  C5    . DC  B 1 1  ? -12.980 -5.465  1.536   1.00 35.00 ? 11  DC  B C5    1 
ATOM   219 C  C6    . DC  B 1 1  ? -13.098 -5.846  2.821   1.00 34.88 ? 11  DC  B C6    1 
ATOM   220 P  P     . DC  B 1 2  ? -9.064  -6.206  6.914   1.00 39.61 ? 12  DC  B P     1 
ATOM   221 O  OP1   . DC  B 1 2  ? -8.315  -6.237  8.190   1.00 43.74 ? 12  DC  B OP1   1 
ATOM   222 O  OP2   . DC  B 1 2  ? -9.005  -4.999  6.063   1.00 39.64 ? 12  DC  B OP2   1 
ATOM   223 O  "O5'" . DC  B 1 2  ? -8.570  -7.475  6.066   1.00 40.90 ? 12  DC  B "O5'" 1 
ATOM   224 C  "C5'" . DC  B 1 2  ? -8.259  -8.711  6.732   1.00 34.08 ? 12  DC  B "C5'" 1 
ATOM   225 C  "C4'" . DC  B 1 2  ? -7.816  -9.731  5.734   1.00 32.67 ? 12  DC  B "C4'" 1 
ATOM   226 O  "O4'" . DC  B 1 2  ? -8.764  -9.737  4.661   1.00 28.49 ? 12  DC  B "O4'" 1 
ATOM   227 C  "C3'" . DC  B 1 2  ? -6.550  -9.326  5.085   1.00 32.81 ? 12  DC  B "C3'" 1 
ATOM   228 O  "O3'" . DC  B 1 2  ? -5.488  -9.753  5.924   1.00 35.68 ? 12  DC  B "O3'" 1 
ATOM   229 C  "C2'" . DC  B 1 2  ? -6.601  -10.217 3.883   1.00 30.64 ? 12  DC  B "C2'" 1 
ATOM   230 C  "C1'" . DC  B 1 2  ? -8.043  -9.996  3.438   1.00 28.44 ? 12  DC  B "C1'" 1 
ATOM   231 N  N1    . DC  B 1 2  ? -8.192  -8.914  2.403   1.00 28.02 ? 12  DC  B N1    1 
ATOM   232 C  C2    . DC  B 1 2  ? -7.873  -9.192  1.079   1.00 26.38 ? 12  DC  B C2    1 
ATOM   233 O  O2    . DC  B 1 2  ? -7.397  -10.269 0.713   1.00 20.88 ? 12  DC  B O2    1 
ATOM   234 N  N3    . DC  B 1 2  ? -8.078  -8.209  0.159   1.00 28.31 ? 12  DC  B N3    1 
ATOM   235 C  C4    . DC  B 1 2  ? -8.562  -7.007  0.499   1.00 29.77 ? 12  DC  B C4    1 
ATOM   236 N  N4    . DC  B 1 2  ? -8.752  -6.071  -0.433  1.00 22.24 ? 12  DC  B N4    1 
ATOM   237 C  C5    . DC  B 1 2  ? -8.882  -6.705  1.852   1.00 30.26 ? 12  DC  B C5    1 
ATOM   238 C  C6    . DC  B 1 2  ? -8.683  -7.677  2.751   1.00 26.98 ? 12  DC  B C6    1 
ATOM   239 P  P     . DG  B 1 3  ? -4.154  -8.836  5.855   1.00 35.53 ? 13  DG  B P     1 
ATOM   240 O  OP1   . DG  B 1 3  ? -3.215  -9.284  6.910   1.00 38.34 ? 13  DG  B OP1   1 
ATOM   241 O  OP2   . DG  B 1 3  ? -4.589  -7.419  5.821   1.00 30.55 ? 13  DG  B OP2   1 
ATOM   242 O  "O5'" . DG  B 1 3  ? -3.525  -9.232  4.418   1.00 35.37 ? 13  DG  B "O5'" 1 
ATOM   243 C  "C5'" . DG  B 1 3  ? -2.883  -10.490 4.196   1.00 31.99 ? 13  DG  B "C5'" 1 
ATOM   244 C  "C4'" . DG  B 1 3  ? -2.633  -10.726 2.712   1.00 34.92 ? 13  DG  B "C4'" 1 
ATOM   245 O  "O4'" . DG  B 1 3  ? -3.834  -10.469 1.971   1.00 32.57 ? 13  DG  B "O4'" 1 
ATOM   246 C  "C3'" . DG  B 1 3  ? -1.637  -9.805  2.055   1.00 34.95 ? 13  DG  B "C3'" 1 
ATOM   247 O  "O3'" . DG  B 1 3  ? -0.321  -10.221 2.433   1.00 38.23 ? 13  DG  B "O3'" 1 
ATOM   248 C  "C2'" . DG  B 1 3  ? -1.886  -10.244 0.635   1.00 33.96 ? 13  DG  B "C2'" 1 
ATOM   249 C  "C1'" . DG  B 1 3  ? -3.420  -10.132 0.621   1.00 33.97 ? 13  DG  B "C1'" 1 
ATOM   250 N  N9    . DG  B 1 3  ? -3.889  -8.779  0.231   1.00 31.07 ? 13  DG  B N9    1 
ATOM   251 C  C8    . DG  B 1 3  ? -4.558  -7.854  0.987   1.00 29.25 ? 13  DG  B C8    1 
ATOM   252 N  N7    . DG  B 1 3  ? -4.893  -6.780  0.340   1.00 26.22 ? 13  DG  B N7    1 
ATOM   253 C  C5    . DG  B 1 3  ? -4.411  -6.998  -0.939  1.00 28.82 ? 13  DG  B C5    1 
ATOM   254 C  C6    . DG  B 1 3  ? -4.510  -6.171  -2.077  1.00 27.37 ? 13  DG  B C6    1 
ATOM   255 O  O6    . DG  B 1 3  ? -5.074  -5.083  -2.157  1.00 29.63 ? 13  DG  B O6    1 
ATOM   256 N  N1    . DG  B 1 3  ? -3.913  -6.770  -3.188  1.00 22.58 ? 13  DG  B N1    1 
ATOM   257 C  C2    . DG  B 1 3  ? -3.303  -8.004  -3.176  1.00 19.92 ? 13  DG  B C2    1 
ATOM   258 N  N2    . DG  B 1 3  ? -2.767  -8.444  -4.313  1.00 20.35 ? 13  DG  B N2    1 
ATOM   259 N  N3    . DG  B 1 3  ? -3.213  -8.782  -2.096  1.00 25.75 ? 13  DG  B N3    1 
ATOM   260 C  C4    . DG  B 1 3  ? -3.791  -8.216  -1.017  1.00 27.58 ? 13  DG  B C4    1 
ATOM   261 P  P     . DG  B 1 4  ? 0.847   -9.114  2.649   1.00 36.50 ? 14  DG  B P     1 
ATOM   262 O  OP1   . DG  B 1 4  ? 1.995   -9.789  3.293   1.00 36.34 ? 14  DG  B OP1   1 
ATOM   263 O  OP2   . DG  B 1 4  ? 0.265   -7.911  3.276   1.00 39.10 ? 14  DG  B OP2   1 
ATOM   264 O  "O5'" . DG  B 1 4  ? 1.252   -8.733  1.145   1.00 34.19 ? 14  DG  B "O5'" 1 
ATOM   265 C  "C5'" . DG  B 1 4  ? 1.948   -9.710  0.378   1.00 32.75 ? 14  DG  B "C5'" 1 
ATOM   266 C  "C4'" . DG  B 1 4  ? 1.975   -9.342  -1.075  1.00 35.01 ? 14  DG  B "C4'" 1 
ATOM   267 O  "O4'" . DG  B 1 4  ? 0.628   -9.118  -1.507  1.00 34.87 ? 14  DG  B "O4'" 1 
ATOM   268 C  "C3'" . DG  B 1 4  ? 2.671   -8.039  -1.325  1.00 36.38 ? 14  DG  B "C3'" 1 
ATOM   269 O  "O3'" . DG  B 1 4  ? 4.074   -8.326  -1.375  1.00 35.51 ? 14  DG  B "O3'" 1 
ATOM   270 C  "C2'" . DG  B 1 4  ? 2.176   -7.782  -2.724  1.00 35.49 ? 14  DG  B "C2'" 1 
ATOM   271 C  "C1'" . DG  B 1 4  ? 0.672   -8.088  -2.511  1.00 32.86 ? 14  DG  B "C1'" 1 
ATOM   272 N  N9    . DG  B 1 4  ? -0.115  -6.891  -2.127  1.00 31.30 ? 14  DG  B N9    1 
ATOM   273 C  C8    . DG  B 1 4  ? -0.696  -6.522  -0.934  1.00 28.35 ? 14  DG  B C8    1 
ATOM   274 N  N7    . DG  B 1 4  ? -1.305  -5.369  -0.987  1.00 29.45 ? 14  DG  B N7    1 
ATOM   275 C  C5    . DG  B 1 4  ? -1.117  -4.937  -2.305  1.00 28.54 ? 14  DG  B C5    1 
ATOM   276 C  C6    . DG  B 1 4  ? -1.569  -3.770  -2.980  1.00 27.45 ? 14  DG  B C6    1 
ATOM   277 O  O6    . DG  B 1 4  ? -2.183  -2.794  -2.545  1.00 27.26 ? 14  DG  B O6    1 
ATOM   278 N  N1    . DG  B 1 4  ? -1.189  -3.771  -4.314  1.00 27.43 ? 14  DG  B N1    1 
ATOM   279 C  C2    . DG  B 1 4  ? -0.464  -4.759  -4.932  1.00 27.46 ? 14  DG  B C2    1 
ATOM   280 N  N2    . DG  B 1 4  ? -0.230  -4.591  -6.243  1.00 24.76 ? 14  DG  B N2    1 
ATOM   281 N  N3    . DG  B 1 4  ? -0.030  -5.844  -4.300  1.00 30.37 ? 14  DG  B N3    1 
ATOM   282 C  C4    . DG  B 1 4  ? -0.395  -5.864  -2.996  1.00 30.03 ? 14  DG  B C4    1 
ATOM   283 P  P     . DG  B 1 5  ? 5.130   -7.169  -0.990  1.00 35.33 ? 15  DG  B P     1 
ATOM   284 O  OP1   . DG  B 1 5  ? 6.455   -7.779  -0.749  1.00 40.99 ? 15  DG  B OP1   1 
ATOM   285 O  OP2   . DG  B 1 5  ? 4.525   -6.314  0.061   1.00 27.55 ? 15  DG  B OP2   1 
ATOM   286 O  "O5'" . DG  B 1 5  ? 5.219   -6.372  -2.371  1.00 32.04 ? 15  DG  B "O5'" 1 
ATOM   287 C  "C5'" . DG  B 1 5  ? 5.954   -7.050  -3.401  1.00 31.49 ? 15  DG  B "C5'" 1 
ATOM   288 C  "C4'" . DG  B 1 5  ? 6.000   -6.255  -4.678  1.00 35.63 ? 15  DG  B "C4'" 1 
ATOM   289 O  "O4'" . DG  B 1 5  ? 4.631   -6.080  -5.058  1.00 38.34 ? 15  DG  B "O4'" 1 
ATOM   290 C  "C3'" . DG  B 1 5  ? 6.529   -4.838  -4.505  1.00 37.37 ? 15  DG  B "C3'" 1 
ATOM   291 O  "O3'" . DG  B 1 5  ? 7.964   -4.854  -4.640  1.00 40.96 ? 15  DG  B "O3'" 1 
ATOM   292 C  "C2'" . DG  B 1 5  ? 5.907   -4.226  -5.740  1.00 33.90 ? 15  DG  B "C2'" 1 
ATOM   293 C  "C1'" . DG  B 1 5  ? 4.480   -4.756  -5.565  1.00 36.46 ? 15  DG  B "C1'" 1 
ATOM   294 N  N9    . DG  B 1 5  ? 3.594   -3.955  -4.693  1.00 32.32 ? 15  DG  B N9    1 
ATOM   295 C  C8    . DG  B 1 5  ? 3.146   -4.150  -3.412  1.00 29.73 ? 15  DG  B C8    1 
ATOM   296 N  N7    . DG  B 1 5  ? 2.308   -3.251  -2.981  1.00 29.13 ? 15  DG  B N7    1 
ATOM   297 C  C5    . DG  B 1 5  ? 2.189   -2.387  -4.066  1.00 25.58 ? 15  DG  B C5    1 
ATOM   298 C  C6    . DG  B 1 5  ? 1.459   -1.180  -4.213  1.00 23.01 ? 15  DG  B C6    1 
ATOM   299 O  O6    . DG  B 1 5  ? 0.722   -0.629  -3.393  1.00 17.54 ? 15  DG  B O6    1 
ATOM   300 N  N1    . DG  B 1 5  ? 1.668   -0.603  -5.453  1.00 21.06 ? 15  DG  B N1    1 
ATOM   301 C  C2    . DG  B 1 5  ? 2.488   -1.116  -6.435  1.00 28.39 ? 15  DG  B C2    1 
ATOM   302 N  N2    . DG  B 1 5  ? 2.586   -0.456  -7.584  1.00 26.70 ? 15  DG  B N2    1 
ATOM   303 N  N3    . DG  B 1 5  ? 3.172   -2.245  -6.300  1.00 28.82 ? 15  DG  B N3    1 
ATOM   304 C  C4    . DG  B 1 5  ? 2.971   -2.819  -5.102  1.00 28.78 ? 15  DG  B C4    1 
HETATM 305 BR BR    . CBR B 1 6  ? 5.356   -1.967  -1.390  1.00 41.55 ? 16  CBR B BR    1 
HETATM 306 P  P     . CBR B 1 6  ? 8.858   -3.826  -3.744  1.00 41.38 ? 16  CBR B P     1 
HETATM 307 O  OP1   . CBR B 1 6  ? 10.283  -4.096  -4.012  1.00 43.42 ? 16  CBR B OP1   1 
HETATM 308 O  OP2   . CBR B 1 6  ? 8.389   -3.851  -2.340  1.00 45.35 ? 16  CBR B OP2   1 
HETATM 309 O  "O5'" . CBR B 1 6  ? 8.493   -2.402  -4.390  1.00 39.94 ? 16  CBR B "O5'" 1 
HETATM 310 N  N1    . CBR B 1 6  ? 5.657   0.365   -4.671  1.00 32.35 ? 16  CBR B N1    1 
HETATM 311 C  C6    . CBR B 1 6  ? 5.830   -0.566  -3.695  1.00 35.79 ? 16  CBR B C6    1 
HETATM 312 C  C2    . CBR B 1 6  ? 4.652   1.312   -4.574  1.00 29.58 ? 16  CBR B C2    1 
HETATM 313 O  O2    . CBR B 1 6  ? 4.473   2.126   -5.475  1.00 26.28 ? 16  CBR B O2    1 
HETATM 314 N  N3    . CBR B 1 6  ? 3.846   1.285   -3.476  1.00 28.19 ? 16  CBR B N3    1 
HETATM 315 C  C4    . CBR B 1 6  ? 4.021   0.366   -2.513  1.00 32.11 ? 16  CBR B C4    1 
HETATM 316 N  N4    . CBR B 1 6  ? 3.208   0.331   -1.463  1.00 26.06 ? 16  CBR B N4    1 
HETATM 317 C  C5    . CBR B 1 6  ? 5.052   -0.603  -2.621  1.00 35.06 ? 16  CBR B C5    1 
HETATM 318 C  "C2'" . CBR B 1 6  ? 7.681   1.320   -5.800  1.00 36.75 ? 16  CBR B "C2'" 1 
HETATM 319 C  "C5'" . CBR B 1 6  ? 9.049   -2.083  -5.672  1.00 35.36 ? 16  CBR B "C5'" 1 
HETATM 320 C  "C4'" . CBR B 1 6  ? 8.500   -0.778  -6.204  1.00 37.26 ? 16  CBR B "C4'" 1 
HETATM 321 O  "O4'" . CBR B 1 6  ? 7.074   -0.912  -6.230  1.00 33.65 ? 16  CBR B "O4'" 1 
HETATM 322 C  "C1'" . CBR B 1 6  ? 6.507   0.370   -5.890  1.00 34.05 ? 16  CBR B "C1'" 1 
HETATM 323 C  "C3'" . CBR B 1 6  ? 8.729   0.385   -5.285  1.00 36.82 ? 16  CBR B "C3'" 1 
HETATM 324 O  "O3'" . CBR B 1 6  ? 9.972   0.934   -5.608  1.00 36.86 ? 16  CBR B "O3'" 1 
ATOM   325 P  P     . DC  B 1 7  ? 10.782  1.635   -4.430  1.00 35.13 ? 17  DC  B P     1 
ATOM   326 O  OP1   . DC  B 1 7  ? 12.181  1.685   -4.905  1.00 37.15 ? 17  DC  B OP1   1 
ATOM   327 O  OP2   . DC  B 1 7  ? 10.441  0.978   -3.146  1.00 30.48 ? 17  DC  B OP2   1 
ATOM   328 O  "O5'" . DC  B 1 7  ? 10.179  3.119   -4.410  1.00 33.69 ? 17  DC  B "O5'" 1 
ATOM   329 C  "C5'" . DC  B 1 7  ? 10.374  4.014   -5.492  1.00 33.24 ? 17  DC  B "C5'" 1 
ATOM   330 C  "C4'" . DC  B 1 7  ? 9.432   5.194   -5.374  1.00 32.90 ? 17  DC  B "C4'" 1 
ATOM   331 O  "O4'" . DC  B 1 7  ? 8.078   4.711   -5.390  1.00 30.41 ? 17  DC  B "O4'" 1 
ATOM   332 C  "C3'" . DC  B 1 7  ? 9.554   5.906   -4.046  1.00 35.17 ? 17  DC  B "C3'" 1 
ATOM   333 O  "O3'" . DC  B 1 7  ? 10.648  6.810   -4.158  1.00 37.57 ? 17  DC  B "O3'" 1 
ATOM   334 C  "C2'" . DC  B 1 7  ? 8.275   6.698   -4.110  1.00 32.74 ? 17  DC  B "C2'" 1 
ATOM   335 C  "C1'" . DC  B 1 7  ? 7.297   5.598   -4.578  1.00 30.81 ? 17  DC  B "C1'" 1 
ATOM   336 N  N1    . DC  B 1 7  ? 6.571   4.909   -3.465  1.00 26.73 ? 17  DC  B N1    1 
ATOM   337 C  C2    . DC  B 1 7  ? 5.471   5.573   -2.927  1.00 25.69 ? 17  DC  B C2    1 
ATOM   338 O  O2    . DC  B 1 7  ? 5.102   6.668   -3.345  1.00 22.26 ? 17  DC  B O2    1 
ATOM   339 N  N3    . DC  B 1 7  ? 4.799   4.979   -1.913  1.00 21.90 ? 17  DC  B N3    1 
ATOM   340 C  C4    . DC  B 1 7  ? 5.167   3.799   -1.428  1.00 23.74 ? 17  DC  B C4    1 
ATOM   341 N  N4    . DC  B 1 7  ? 4.515   3.304   -0.382  1.00 19.57 ? 17  DC  B N4    1 
ATOM   342 C  C5    . DC  B 1 7  ? 6.281   3.094   -1.960  1.00 25.30 ? 17  DC  B C5    1 
ATOM   343 C  C6    . DC  B 1 7  ? 6.949   3.679   -2.972  1.00 26.11 ? 17  DC  B C6    1 
ATOM   344 P  P     . DC  B 1 8  ? 11.577  7.230   -2.912  1.00 38.77 ? 18  DC  B P     1 
ATOM   345 O  OP1   . DC  B 1 8  ? 12.604  8.162   -3.426  1.00 41.02 ? 18  DC  B OP1   1 
ATOM   346 O  OP2   . DC  B 1 8  ? 11.980  6.020   -2.158  1.00 41.18 ? 18  DC  B OP2   1 
ATOM   347 O  "O5'" . DC  B 1 8  ? 10.599  8.064   -1.959  1.00 37.41 ? 18  DC  B "O5'" 1 
ATOM   348 C  "C5'" . DC  B 1 8  ? 10.260  9.419   -2.221  1.00 33.84 ? 18  DC  B "C5'" 1 
ATOM   349 C  "C4'" . DC  B 1 8  ? 9.079   9.792   -1.349  1.00 35.98 ? 18  DC  B "C4'" 1 
ATOM   350 O  "O4'" . DC  B 1 8  ? 8.009   8.867   -1.633  1.00 33.56 ? 18  DC  B "O4'" 1 
ATOM   351 C  "C3'" . DC  B 1 8  ? 9.273   9.691   0.141   1.00 34.63 ? 18  DC  B "C3'" 1 
ATOM   352 O  "O3'" . DC  B 1 8  ? 9.896   10.887  0.569   1.00 36.28 ? 18  DC  B "O3'" 1 
ATOM   353 C  "C2'" . DC  B 1 8  ? 7.832   9.780   0.542   1.00 32.41 ? 18  DC  B "C2'" 1 
ATOM   354 C  "C1'" . DC  B 1 8  ? 7.200   8.792   -0.454  1.00 30.86 ? 18  DC  B "C1'" 1 
ATOM   355 N  N1    . DC  B 1 8  ? 7.006   7.446   0.161   1.00 29.25 ? 18  DC  B N1    1 
ATOM   356 C  C2    . DC  B 1 8  ? 5.908   7.309   1.000   1.00 26.88 ? 18  DC  B C2    1 
ATOM   357 O  O2    . DC  B 1 8  ? 5.098   8.223   1.151   1.00 34.43 ? 18  DC  B O2    1 
ATOM   358 N  N3    . DC  B 1 8  ? 5.717   6.124   1.637   1.00 28.26 ? 18  DC  B N3    1 
ATOM   359 C  C4    . DC  B 1 8  ? 6.550   5.111   1.469   1.00 29.95 ? 18  DC  B C4    1 
ATOM   360 N  N4    . DC  B 1 8  ? 6.322   3.982   2.138   1.00 29.75 ? 18  DC  B N4    1 
ATOM   361 C  C5    . DC  B 1 8  ? 7.682   5.222   0.599   1.00 31.11 ? 18  DC  B C5    1 
ATOM   362 C  C6    . DC  B 1 8  ? 7.867   6.401   -0.031  1.00 28.88 ? 18  DC  B C6    1 
ATOM   363 P  P     . DG  B 1 9  ? 10.778  10.939  1.913   1.00 34.22 ? 19  DG  B P     1 
ATOM   364 O  OP1   . DG  B 1 9  ? 11.624  12.142  1.808   1.00 45.70 ? 19  DG  B OP1   1 
ATOM   365 O  OP2   . DG  B 1 9  ? 11.403  9.625   2.144   1.00 32.04 ? 19  DG  B OP2   1 
ATOM   366 O  "O5'" . DG  B 1 9  ? 9.703   11.166  3.093   1.00 31.03 ? 19  DG  B "O5'" 1 
ATOM   367 C  "C5'" . DG  B 1 9  ? 8.884   12.329  3.188   1.00 27.34 ? 19  DG  B "C5'" 1 
ATOM   368 C  "C4'" . DG  B 1 9  ? 7.689   12.036  4.090   1.00 28.61 ? 19  DG  B "C4'" 1 
ATOM   369 O  "O4'" . DG  B 1 9  ? 6.980   10.931  3.527   1.00 25.81 ? 19  DG  B "O4'" 1 
ATOM   370 C  "C3'" . DG  B 1 9  ? 7.880   11.645  5.528   1.00 29.26 ? 19  DG  B "C3'" 1 
ATOM   371 O  "O3'" . DG  B 1 9  ? 8.047   12.850  6.271   1.00 30.09 ? 19  DG  B "O3'" 1 
ATOM   372 C  "C2'" . DG  B 1 9  ? 6.463   11.174  5.794   1.00 28.62 ? 19  DG  B "C2'" 1 
ATOM   373 C  "C1'" . DG  B 1 9  ? 6.222   10.317  4.577   1.00 27.00 ? 19  DG  B "C1'" 1 
ATOM   374 N  N9    . DG  B 1 9  ? 6.601   8.898   4.771   1.00 25.27 ? 19  DG  B N9    1 
ATOM   375 C  C8    . DG  B 1 9  ? 7.567   8.156   4.138   1.00 25.37 ? 19  DG  B C8    1 
ATOM   376 N  N7    . DG  B 1 9  ? 7.569   6.899   4.477   1.00 22.76 ? 19  DG  B N7    1 
ATOM   377 C  C5    . DG  B 1 9  ? 6.537   6.806   5.400   1.00 24.42 ? 19  DG  B C5    1 
ATOM   378 C  C6    . DG  B 1 9  ? 6.068   5.677   6.118   1.00 26.64 ? 19  DG  B C6    1 
ATOM   379 O  O6    . DG  B 1 9  ? 6.518   4.536   6.119   1.00 29.22 ? 19  DG  B O6    1 
ATOM   380 N  N1    . DG  B 1 9  ? 5.009   6.009   6.936   1.00 26.20 ? 19  DG  B N1    1 
ATOM   381 C  C2    . DG  B 1 9  ? 4.485   7.268   7.064   1.00 23.29 ? 19  DG  B C2    1 
ATOM   382 N  N2    . DG  B 1 9  ? 3.512   7.406   7.957   1.00 24.46 ? 19  DG  B N2    1 
ATOM   383 N  N3    . DG  B 1 9  ? 4.924   8.333   6.393   1.00 20.77 ? 19  DG  B N3    1 
ATOM   384 C  C4    . DG  B 1 9  ? 5.946   8.022   5.582   1.00 21.18 ? 19  DG  B C4    1 
ATOM   385 P  P     . DG  B 1 10 ? 8.659   12.824  7.750   1.00 30.54 ? 20  DG  B P     1 
ATOM   386 O  OP1   . DG  B 1 10 ? 8.815   14.232  8.187   1.00 25.61 ? 20  DG  B OP1   1 
ATOM   387 O  OP2   . DG  B 1 10 ? 9.812   11.912  7.747   1.00 25.36 ? 20  DG  B OP2   1 
ATOM   388 O  "O5'" . DG  B 1 10 ? 7.512   12.181  8.662   1.00 32.27 ? 20  DG  B "O5'" 1 
ATOM   389 C  "C5'" . DG  B 1 10 ? 6.381   12.969  9.075   1.00 31.45 ? 20  DG  B "C5'" 1 
ATOM   390 C  "C4'" . DG  B 1 10 ? 5.537   12.220  10.065  1.00 31.69 ? 20  DG  B "C4'" 1 
ATOM   391 O  "O4'" . DG  B 1 10 ? 5.023   11.047  9.454   1.00 28.83 ? 20  DG  B "O4'" 1 
ATOM   392 C  "C3'" . DG  B 1 10 ? 6.418   11.758  11.194  1.00 31.98 ? 20  DG  B "C3'" 1 
ATOM   393 O  "O3'" . DG  B 1 10 ? 6.451   12.841  12.099  1.00 36.27 ? 20  DG  B "O3'" 1 
ATOM   394 C  "C2'" . DG  B 1 10 ? 5.631   10.589  11.700  1.00 33.19 ? 20  DG  B "C2'" 1 
ATOM   395 C  "C1'" . DG  B 1 10 ? 5.122   9.990   10.399  1.00 28.46 ? 20  DG  B "C1'" 1 
ATOM   396 N  N9    . DG  B 1 10 ? 5.984   8.905   9.940   1.00 26.90 ? 20  DG  B N9    1 
ATOM   397 C  C8    . DG  B 1 10 ? 7.063   8.891   9.081   1.00 26.01 ? 20  DG  B C8    1 
ATOM   398 N  N7    . DG  B 1 10 ? 7.550   7.703   8.892   1.00 27.01 ? 20  DG  B N7    1 
ATOM   399 C  C5    . DG  B 1 10 ? 6.733   6.885   9.671   1.00 27.30 ? 20  DG  B C5    1 
ATOM   400 C  C6    . DG  B 1 10 ? 6.850   5.510   9.941   1.00 26.12 ? 20  DG  B C6    1 
ATOM   401 O  O6    . DG  B 1 10 ? 7.642   4.722   9.428   1.00 24.66 ? 20  DG  B O6    1 
ATOM   402 N  N1    . DG  B 1 10 ? 5.925   5.096   10.892  1.00 24.75 ? 20  DG  B N1    1 
ATOM   403 C  C2    . DG  B 1 10 ? 4.986   5.895   11.499  1.00 27.41 ? 20  DG  B C2    1 
ATOM   404 N  N2    . DG  B 1 10 ? 4.156   5.289   12.357  1.00 25.70 ? 20  DG  B N2    1 
ATOM   405 N  N3    . DG  B 1 10 ? 4.868   7.200   11.237  1.00 27.21 ? 20  DG  B N3    1 
ATOM   406 C  C4    . DG  B 1 10 ? 5.780   7.614   10.318  1.00 26.32 ? 20  DG  B C4    1 
HETATM 407 N  N1    . SPE C 2 .  ? 10.358  17.401  9.860   1.00 44.20 ? 21  SPE B N1    1 
HETATM 408 C  C2    . SPE C 2 .  ? 11.035  17.024  8.631   1.00 45.78 ? 21  SPE B C2    1 
HETATM 409 C  C3    . SPE C 2 .  ? 11.653  15.637  8.763   1.00 45.60 ? 21  SPE B C3    1 
HETATM 410 C  C4    . SPE C 2 .  ? 12.318  15.134  7.484   1.00 44.56 ? 21  SPE B C4    1 
HETATM 411 N  N5    . SPE C 2 .  ? 12.908  13.820  7.689   1.00 41.47 ? 21  SPE B N5    1 
HETATM 412 C  C6    . SPE C 2 .  ? 12.607  12.981  6.538   1.00 39.00 ? 21  SPE B C6    1 
HETATM 413 C  C7    . SPE C 2 .  ? 12.896  11.517  6.826   1.00 42.43 ? 21  SPE B C7    1 
HETATM 414 C  C8    . SPE C 2 .  ? 12.009  10.568  6.017   1.00 45.64 ? 21  SPE B C8    1 
HETATM 415 N  N9    . SPE C 2 .  ? 11.483  9.578   6.948   1.00 44.96 ? 21  SPE B N9    1 
HETATM 416 C  C10   . SPE C 2 .  ? 10.604  8.619   6.299   1.00 46.32 ? 21  SPE B C10   1 
HETATM 417 C  C11   . SPE C 2 .  ? 10.254  7.475   7.270   1.00 46.27 ? 21  SPE B C11   1 
HETATM 418 C  C12   . SPE C 2 .  ? 9.865   6.192   6.541   1.00 42.62 ? 21  SPE B C12   1 
HETATM 419 N  N13   . SPE C 2 .  ? 9.421   5.099   7.391   1.00 45.77 ? 21  SPE B N13   1 
HETATM 420 O  O     . HOH D 3 .  ? 1.732   7.754   -6.101  1.00 35.62 ? 23  HOH A O     1 
HETATM 421 O  O     . HOH D 3 .  ? 1.518   2.415   1.974   1.00 24.50 ? 25  HOH A O     1 
HETATM 422 O  O     . HOH D 3 .  ? -1.042  4.112   2.431   1.00 34.17 ? 27  HOH A O     1 
HETATM 423 O  O     . HOH D 3 .  ? -10.566 -7.921  -6.974  1.00 37.47 ? 28  HOH A O     1 
HETATM 424 O  O     . HOH D 3 .  ? -6.049  6.317   9.989   1.00 39.32 ? 30  HOH A O     1 
HETATM 425 O  O     . HOH D 3 .  ? -5.392  3.472   -6.952  1.00 43.34 ? 32  HOH A O     1 
HETATM 426 O  O     . HOH D 3 .  ? -5.355  5.842   -2.128  1.00 35.88 ? 34  HOH A O     1 
HETATM 427 O  O     . HOH D 3 .  ? 0.757   -0.640  7.640   1.00 37.39 ? 37  HOH A O     1 
HETATM 428 O  O     . HOH D 3 .  ? -6.674  0.244   -8.782  1.00 45.63 ? 38  HOH A O     1 
HETATM 429 O  O     . HOH D 3 .  ? -13.010 -7.082  -5.776  1.00 48.87 ? 42  HOH A O     1 
HETATM 430 O  O     . HOH D 3 .  ? 7.388   -3.070  13.578  1.00 49.19 ? 43  HOH A O     1 
HETATM 431 O  O     . HOH D 3 .  ? -4.779  -5.671  -16.149 1.00 52.84 ? 44  HOH A O     1 
HETATM 432 O  O     . HOH D 3 .  ? 10.348  -1.021  11.420  1.00 40.94 ? 46  HOH A O     1 
HETATM 433 O  O     . HOH D 3 .  ? -2.475  -1.823  14.068  1.00 46.96 ? 47  HOH A O     1 
HETATM 434 O  O     . HOH D 3 .  ? 1.612   10.561  10.951  1.00 40.31 ? 48  HOH A O     1 
HETATM 435 O  O     . HOH D 3 .  ? 0.540   8.013   10.287  1.00 50.06 ? 49  HOH A O     1 
HETATM 436 O  O     . HOH D 3 .  ? 2.645   0.743   5.090   1.00 41.99 ? 51  HOH A O     1 
HETATM 437 O  O     . HOH D 3 .  ? -0.435  1.842   3.875   1.00 51.12 ? 52  HOH A O     1 
HETATM 438 O  O     . HOH D 3 .  ? -0.787  2.029   0.872   1.00 41.07 ? 55  HOH A O     1 
HETATM 439 O  O     . HOH D 3 .  ? -3.675  6.354   1.127   1.00 36.19 ? 56  HOH A O     1 
HETATM 440 O  O     . HOH D 3 .  ? -4.928  0.941   -1.771  1.00 47.46 ? 58  HOH A O     1 
HETATM 441 O  O     . HOH D 3 .  ? -8.588  6.196   -7.568  1.00 37.84 ? 64  HOH A O     1 
HETATM 442 O  O     . HOH D 3 .  ? -9.706  4.060   14.844  1.00 43.14 ? 65  HOH A O     1 
HETATM 443 O  O     . HOH D 3 .  ? -8.617  -2.457  -15.489 1.00 42.23 ? 67  HOH A O     1 
HETATM 444 O  O     . HOH D 3 .  ? -10.884 -13.548 -11.398 1.00 45.76 ? 68  HOH A O     1 
HETATM 445 O  O     . HOH D 3 .  ? -10.312 -10.880 -11.339 1.00 47.90 ? 69  HOH A O     1 
HETATM 446 O  O     . HOH D 3 .  ? -8.226  -11.707 -12.972 1.00 45.55 ? 71  HOH A O     1 
HETATM 447 O  O     . HOH D 3 .  ? -9.107  -10.960 -15.511 1.00 47.39 ? 72  HOH A O     1 
HETATM 448 O  O     . HOH D 3 .  ? -12.617 -2.974  -2.830  1.00 48.97 ? 73  HOH A O     1 
HETATM 449 O  O     . HOH D 3 .  ? -5.520  0.173   -16.581 1.00 59.21 ? 78  HOH A O     1 
HETATM 450 O  O     . HOH D 3 .  ? -9.760  -9.008  -9.334  1.00 46.58 ? 83  HOH A O     1 
HETATM 451 O  O     . HOH D 3 .  ? -10.602 -8.817  -12.680 1.00 46.59 ? 84  HOH A O     1 
HETATM 452 O  O     . HOH D 3 .  ? -4.974  3.355   -15.079 1.00 42.94 ? 96  HOH A O     1 
HETATM 453 O  O     . HOH D 3 .  ? -10.399 3.463   9.117   1.00 36.49 ? 97  HOH A O     1 
HETATM 454 O  O     . HOH D 3 .  ? -6.541  -0.352  -5.318  1.00 40.63 ? 99  HOH A O     1 
HETATM 455 O  O     . HOH D 3 .  ? -7.413  3.814   -4.718  1.00 48.10 ? 100 HOH A O     1 
HETATM 456 O  O     . HOH D 3 .  ? 1.238   6.557   -11.115 1.00 43.76 ? 101 HOH A O     1 
HETATM 457 O  O     . HOH D 3 .  ? -9.708  -4.817  -3.228  1.00 51.03 ? 102 HOH A O     1 
HETATM 458 O  O     . HOH D 3 .  ? -8.350  -5.509  -6.295  1.00 37.68 ? 103 HOH A O     1 
HETATM 459 O  O     . HOH D 3 .  ? -9.396  -5.550  -12.237 1.00 47.41 ? 104 HOH A O     1 
HETATM 460 O  O     . HOH D 3 .  ? -7.705  -5.910  -15.225 1.00 43.47 ? 105 HOH A O     1 
HETATM 461 O  O     . HOH D 3 .  ? 10.638  0.921   9.320   1.00 42.06 ? 106 HOH A O     1 
HETATM 462 O  O     . HOH D 3 .  ? -8.785  2.632   -10.808 1.00 53.46 ? 107 HOH A O     1 
HETATM 463 O  O     . HOH D 3 .  ? -4.961  -12.954 -3.394  1.00 21.91 ? 108 HOH A O     1 
HETATM 464 O  O     . HOH D 3 .  ? 4.907   -0.932  6.900   1.00 41.52 ? 109 HOH A O     1 
HETATM 465 O  O     . HOH D 3 .  ? -1.123  0.926   -1.451  1.00 47.67 ? 111 HOH A O     1 
HETATM 466 O  O     . HOH D 3 .  ? -6.131  7.098   -12.068 1.00 49.73 ? 113 HOH A O     1 
HETATM 467 O  O     . HOH E 3 .  ? 9.731   5.263   3.710   1.00 41.59 ? 22  HOH B O     1 
HETATM 468 O  O     . HOH E 3 .  ? 10.450  3.829   -0.990  1.00 49.32 ? 24  HOH B O     1 
HETATM 469 O  O     . HOH E 3 .  ? 0.013   -1.217  -1.006  1.00 42.43 ? 26  HOH B O     1 
HETATM 470 O  O     . HOH E 3 .  ? -4.045  -2.212  -0.662  1.00 41.04 ? 29  HOH B O     1 
HETATM 471 O  O     . HOH E 3 .  ? -5.508  -4.523  1.590   1.00 37.19 ? 31  HOH B O     1 
HETATM 472 O  O     . HOH E 3 .  ? 8.185   0.457   -1.848  1.00 44.54 ? 33  HOH B O     1 
HETATM 473 O  O     . HOH E 3 .  ? -9.354  -8.042  10.062  1.00 30.30 ? 35  HOH B O     1 
HETATM 474 O  O     . HOH E 3 .  ? 2.616   -4.704  -0.683  1.00 44.30 ? 36  HOH B O     1 
HETATM 475 O  O     . HOH E 3 .  ? 7.689   -9.905  0.610   1.00 42.04 ? 39  HOH B O     1 
HETATM 476 O  O     . HOH E 3 .  ? -2.622  -11.505 -2.836  1.00 35.44 ? 40  HOH B O     1 
HETATM 477 O  O     . HOH E 3 .  ? 1.781   -1.750  0.866   1.00 45.25 ? 41  HOH B O     1 
HETATM 478 O  O     . HOH E 3 .  ? 12.201  7.687   3.716   1.00 58.33 ? 45  HOH B O     1 
HETATM 479 O  O     . HOH E 3 .  ? 7.455   1.855   5.316   1.00 59.97 ? 50  HOH B O     1 
HETATM 480 O  O     . HOH E 3 .  ? 14.003  4.659   0.752   1.00 55.93 ? 53  HOH B O     1 
HETATM 481 O  O     . HOH E 3 .  ? 4.897   0.730   1.020   1.00 40.19 ? 54  HOH B O     1 
HETATM 482 O  O     . HOH E 3 .  ? 4.349   7.811   -5.399  1.00 43.40 ? 57  HOH B O     1 
HETATM 483 O  O     . HOH E 3 .  ? -2.144  -4.374  1.307   1.00 35.15 ? 59  HOH B O     1 
HETATM 484 O  O     . HOH E 3 .  ? 2.787   -5.644  2.977   1.00 42.99 ? 60  HOH B O     1 
HETATM 485 O  O     . HOH E 3 .  ? -6.059  -5.364  4.409   1.00 49.07 ? 61  HOH B O     1 
HETATM 486 O  O     . HOH E 3 .  ? -0.159  -12.675 6.353   1.00 48.17 ? 62  HOH B O     1 
HETATM 487 O  O     . HOH E 3 .  ? 5.085   -10.082 1.798   1.00 41.66 ? 63  HOH B O     1 
HETATM 488 O  O     . HOH E 3 .  ? -6.572  -2.644  -1.628  1.00 51.04 ? 66  HOH B O     1 
HETATM 489 O  O     . HOH E 3 .  ? 8.077   15.377  10.892  1.00 47.27 ? 70  HOH B O     1 
HETATM 490 O  O     . HOH E 3 .  ? -6.079  -9.158  12.933  1.00 43.41 ? 74  HOH B O     1 
HETATM 491 O  O     . HOH E 3 .  ? -3.568  -9.298  9.556   1.00 49.17 ? 75  HOH B O     1 
HETATM 492 O  O     . HOH E 3 .  ? -7.420  -10.188 9.687   1.00 35.63 ? 76  HOH B O     1 
HETATM 493 O  O     . HOH E 3 .  ? -9.448  -3.127  3.979   1.00 51.19 ? 77  HOH B O     1 
HETATM 494 O  O     . HOH E 3 .  ? 6.183   12.819  -10.764 1.00 46.46 ? 79  HOH B O     1 
HETATM 495 O  O     . HOH E 3 .  ? -12.136 -6.026  10.844  1.00 45.96 ? 80  HOH B O     1 
HETATM 496 O  O     . HOH E 3 .  ? 16.116  7.066   -4.392  1.00 46.75 ? 81  HOH B O     1 
HETATM 497 O  O     . HOH E 3 .  ? 9.020   -5.383  1.285   1.00 52.85 ? 82  HOH B O     1 
HETATM 498 O  O     . HOH E 3 .  ? 14.241  9.066   1.066   1.00 51.49 ? 85  HOH B O     1 
HETATM 499 O  O     . HOH E 3 .  ? 4.613   -7.623  2.990   1.00 35.79 ? 86  HOH B O     1 
HETATM 500 O  O     . HOH E 3 .  ? 15.133  5.166   -2.720  1.00 53.41 ? 87  HOH B O     1 
HETATM 501 O  O     . HOH E 3 .  ? -16.547 -5.843  7.290   1.00 46.89 ? 88  HOH B O     1 
HETATM 502 O  O     . HOH E 3 .  ? 7.164   7.230   -9.065  1.00 56.20 ? 89  HOH B O     1 
HETATM 503 O  O     . HOH E 3 .  ? 10.284  1.183   -8.997  1.00 47.42 ? 90  HOH B O     1 
HETATM 504 O  O     . HOH E 3 .  ? 8.980   -1.863  -0.868  1.00 47.83 ? 91  HOH B O     1 
HETATM 505 O  O     . HOH E 3 .  ? 6.027   -2.956  2.144   1.00 50.48 ? 92  HOH B O     1 
HETATM 506 O  O     . HOH E 3 .  ? -2.526  -11.458 7.998   1.00 47.89 ? 93  HOH B O     1 
HETATM 507 O  O     . HOH E 3 .  ? -2.099  -5.589  3.530   1.00 36.63 ? 94  HOH B O     1 
HETATM 508 O  O     . HOH E 3 .  ? 1.231   -11.189 8.157   1.00 50.44 ? 95  HOH B O     1 
HETATM 509 O  O     . HOH E 3 .  ? -9.579  -3.219  0.151   1.00 52.86 ? 98  HOH B O     1 
HETATM 510 O  O     . HOH E 3 .  ? 7.384   1.420   0.530   1.00 56.89 ? 110 HOH B O     1 
HETATM 511 O  O     . HOH E 3 .  ? 0.514   -4.384  1.323   1.00 47.22 ? 112 HOH B O     1 
# 
